data_2MXP
#
_entry.id   2MXP
#
loop_
_entity.id
_entity.type
_entity.pdbx_description
1 polymer 'Calcium-binding and coiled-coil domain-containing protein 2'
2 non-polymer 'ZINC ION'
#
_entity_poly.entity_id   1
_entity_poly.type   'polypeptide(L)'
_entity_poly.pdbx_seq_one_letter_code
;QMQPLCFNCPICDKIFPATEKQIFEDHVFCHSL
;
_entity_poly.pdbx_strand_id   A
#
# COMPACT_ATOMS: atom_id res chain seq x y z
N GLN A 1 5.40 6.63 15.45
CA GLN A 1 6.33 5.71 14.74
C GLN A 1 6.15 4.27 15.21
N MET A 2 5.84 3.38 14.27
CA MET A 2 5.65 1.97 14.60
C MET A 2 6.37 1.08 13.59
N GLN A 3 7.48 1.58 13.07
CA GLN A 3 8.28 0.83 12.09
C GLN A 3 7.46 0.53 10.84
N PRO A 4 7.81 1.12 9.69
CA PRO A 4 7.10 0.91 8.43
C PRO A 4 7.16 -0.55 7.97
N LEU A 5 6.39 -1.41 8.64
CA LEU A 5 6.36 -2.83 8.30
C LEU A 5 5.07 -3.17 7.56
N CYS A 6 4.50 -2.19 6.87
CA CYS A 6 3.27 -2.39 6.12
C CYS A 6 2.87 -1.10 5.39
N PHE A 7 2.38 -1.25 4.17
CA PHE A 7 1.96 -0.10 3.37
C PHE A 7 0.45 0.09 3.45
N ASN A 8 0.00 1.32 3.27
CA ASN A 8 -1.42 1.63 3.32
C ASN A 8 -1.86 2.51 2.15
N CYS A 9 -2.95 2.14 1.52
CA CYS A 9 -3.48 2.88 0.39
C CYS A 9 -4.31 4.07 0.87
N PRO A 10 -3.85 5.31 0.61
CA PRO A 10 -4.55 6.52 1.04
C PRO A 10 -5.84 6.76 0.24
N ILE A 11 -6.00 6.04 -0.86
CA ILE A 11 -7.18 6.20 -1.69
C ILE A 11 -8.40 5.51 -1.10
N CYS A 12 -8.29 4.21 -0.79
CA CYS A 12 -9.40 3.47 -0.21
C CYS A 12 -9.09 2.97 1.20
N ASP A 13 -7.85 3.13 1.63
CA ASP A 13 -7.41 2.70 2.97
C ASP A 13 -6.98 1.23 2.99
N LYS A 14 -6.68 0.68 1.82
CA LYS A 14 -6.23 -0.70 1.73
C LYS A 14 -4.79 -0.84 2.21
N ILE A 15 -4.59 -1.61 3.29
CA ILE A 15 -3.26 -1.80 3.85
C ILE A 15 -2.76 -3.22 3.65
N PHE A 16 -1.45 -3.34 3.42
CA PHE A 16 -0.81 -4.64 3.22
C PHE A 16 0.56 -4.66 3.89
N PRO A 17 1.18 -5.85 3.99
CA PRO A 17 2.50 -6.00 4.61
C PRO A 17 3.57 -5.21 3.88
N ALA A 18 4.72 -5.04 4.53
CA ALA A 18 5.84 -4.30 3.93
C ALA A 18 6.41 -5.05 2.74
N THR A 19 6.29 -6.37 2.77
CA THR A 19 6.80 -7.21 1.69
C THR A 19 5.85 -7.20 0.49
N GLU A 20 4.73 -6.50 0.62
CA GLU A 20 3.75 -6.41 -0.45
C GLU A 20 3.95 -5.15 -1.28
N LYS A 21 5.19 -4.69 -1.36
CA LYS A 21 5.52 -3.48 -2.13
C LYS A 21 5.00 -3.59 -3.56
N GLN A 22 4.92 -4.82 -4.06
CA GLN A 22 4.44 -5.06 -5.41
C GLN A 22 2.95 -4.77 -5.53
N ILE A 23 2.21 -5.22 -4.53
CA ILE A 23 0.76 -5.02 -4.52
C ILE A 23 0.40 -3.60 -4.06
N PHE A 24 1.25 -3.04 -3.20
CA PHE A 24 1.02 -1.68 -2.70
C PHE A 24 1.18 -0.66 -3.81
N GLU A 25 2.19 -0.85 -4.64
CA GLU A 25 2.45 0.06 -5.74
C GLU A 25 1.46 -0.18 -6.87
N ASP A 26 1.15 -1.45 -7.10
CA ASP A 26 0.21 -1.82 -8.13
C ASP A 26 -1.20 -1.41 -7.75
N HIS A 27 -1.53 -1.60 -6.47
CA HIS A 27 -2.84 -1.24 -5.95
C HIS A 27 -3.10 0.25 -6.14
N VAL A 28 -2.19 1.07 -5.64
CA VAL A 28 -2.32 2.51 -5.77
C VAL A 28 -2.33 2.89 -7.25
N PHE A 29 -1.54 2.17 -8.03
CA PHE A 29 -1.46 2.40 -9.47
C PHE A 29 -2.85 2.31 -10.08
N CYS A 30 -3.65 1.40 -9.55
CA CYS A 30 -5.02 1.22 -10.04
C CYS A 30 -5.83 2.48 -9.81
N HIS A 31 -5.75 3.00 -8.59
CA HIS A 31 -6.45 4.23 -8.26
C HIS A 31 -5.89 5.36 -9.12
N SER A 32 -4.71 5.13 -9.69
CA SER A 32 -4.06 6.13 -10.54
C SER A 32 -4.69 6.16 -11.92
N LEU A 33 -5.45 5.13 -12.25
CA LEU A 33 -6.11 5.04 -13.55
C LEU A 33 -7.34 5.94 -13.61
N GLN A 1 9.85 10.23 13.33
CA GLN A 1 10.59 8.94 13.37
C GLN A 1 9.62 7.76 13.40
N MET A 2 10.16 6.55 13.40
CA MET A 2 9.34 5.35 13.43
C MET A 2 8.47 5.25 12.18
N GLN A 3 8.17 4.02 11.77
CA GLN A 3 7.34 3.80 10.58
C GLN A 3 6.65 2.44 10.66
N PRO A 4 5.38 2.37 10.20
CA PRO A 4 4.61 1.12 10.22
C PRO A 4 5.35 -0.03 9.52
N LEU A 5 4.77 -1.22 9.59
CA LEU A 5 5.36 -2.39 8.97
C LEU A 5 4.46 -2.95 7.87
N CYS A 6 3.65 -2.07 7.28
CA CYS A 6 2.73 -2.47 6.22
C CYS A 6 1.88 -1.29 5.76
N PHE A 7 1.54 -1.27 4.47
CA PHE A 7 0.73 -0.19 3.92
C PHE A 7 -0.66 -0.70 3.57
N ASN A 8 -1.66 0.17 3.75
CA ASN A 8 -3.05 -0.20 3.45
C ASN A 8 -3.64 0.72 2.40
N CYS A 9 -4.31 0.12 1.41
CA CYS A 9 -4.94 0.88 0.34
C CYS A 9 -6.20 1.58 0.84
N PRO A 10 -6.21 2.93 0.87
CA PRO A 10 -7.37 3.70 1.34
C PRO A 10 -8.56 3.63 0.38
N ILE A 11 -8.31 3.19 -0.85
CA ILE A 11 -9.36 3.10 -1.85
C ILE A 11 -10.30 1.93 -1.58
N CYS A 12 -9.74 0.72 -1.45
CA CYS A 12 -10.56 -0.46 -1.19
C CYS A 12 -10.25 -1.08 0.17
N ASP A 13 -9.29 -0.51 0.89
CA ASP A 13 -8.90 -1.01 2.22
C ASP A 13 -7.93 -2.19 2.13
N LYS A 14 -7.20 -2.28 1.02
CA LYS A 14 -6.25 -3.37 0.84
C LYS A 14 -5.11 -3.24 1.84
N ILE A 15 -4.32 -4.31 1.99
CA ILE A 15 -3.19 -4.31 2.91
C ILE A 15 -1.96 -4.96 2.29
N PHE A 16 -0.79 -4.41 2.62
CA PHE A 16 0.47 -4.94 2.10
C PHE A 16 1.58 -4.77 3.14
N PRO A 17 2.49 -5.75 3.25
CA PRO A 17 3.59 -5.69 4.20
C PRO A 17 4.59 -4.60 3.84
N ALA A 18 5.28 -4.06 4.85
CA ALA A 18 6.26 -3.01 4.63
C ALA A 18 7.25 -3.37 3.53
N THR A 19 7.49 -4.66 3.34
CA THR A 19 8.41 -5.14 2.33
C THR A 19 7.76 -5.13 0.95
N GLU A 20 6.43 -5.09 0.92
CA GLU A 20 5.70 -5.07 -0.34
C GLU A 20 5.29 -3.66 -0.73
N LYS A 21 6.12 -2.69 -0.38
CA LYS A 21 5.84 -1.28 -0.69
C LYS A 21 5.65 -1.10 -2.19
N GLN A 22 6.28 -1.97 -2.97
CA GLN A 22 6.19 -1.91 -4.43
C GLN A 22 4.78 -2.26 -4.90
N ILE A 23 4.20 -3.27 -4.27
CA ILE A 23 2.85 -3.72 -4.61
C ILE A 23 1.81 -2.72 -4.11
N PHE A 24 2.12 -2.06 -3.00
CA PHE A 24 1.21 -1.08 -2.41
C PHE A 24 1.10 0.15 -3.30
N GLU A 25 2.21 0.54 -3.90
CA GLU A 25 2.24 1.71 -4.77
C GLU A 25 1.58 1.37 -6.10
N ASP A 26 1.81 0.15 -6.56
CA ASP A 26 1.24 -0.32 -7.81
C ASP A 26 -0.27 -0.52 -7.66
N HIS A 27 -0.66 -1.15 -6.57
CA HIS A 27 -2.07 -1.41 -6.28
C HIS A 27 -2.86 -0.12 -6.32
N VAL A 28 -2.43 0.86 -5.53
CA VAL A 28 -3.07 2.15 -5.48
C VAL A 28 -3.07 2.79 -6.87
N PHE A 29 -1.97 2.56 -7.58
CA PHE A 29 -1.82 3.09 -8.94
C PHE A 29 -2.97 2.61 -9.80
N CYS A 30 -3.45 1.39 -9.51
CA CYS A 30 -4.56 0.84 -10.25
C CYS A 30 -5.81 1.65 -10.02
N HIS A 31 -6.08 1.94 -8.76
CA HIS A 31 -7.23 2.78 -8.41
C HIS A 31 -7.05 4.16 -9.03
N SER A 32 -5.80 4.47 -9.39
CA SER A 32 -5.48 5.76 -9.99
C SER A 32 -5.91 5.81 -11.45
N LEU A 33 -6.19 4.65 -12.03
CA LEU A 33 -6.62 4.56 -13.41
C LEU A 33 -8.08 4.97 -13.58
N GLN A 1 5.84 2.21 14.29
CA GLN A 1 4.99 1.15 14.88
C GLN A 1 3.60 1.12 14.23
N MET A 2 3.55 1.49 12.96
CA MET A 2 2.29 1.51 12.22
C MET A 2 2.53 1.62 10.72
N GLN A 3 3.41 2.53 10.34
CA GLN A 3 3.74 2.74 8.94
C GLN A 3 4.93 1.88 8.51
N PRO A 4 6.07 2.00 9.23
CA PRO A 4 7.28 1.22 8.92
C PRO A 4 6.99 -0.27 8.79
N LEU A 5 7.88 -0.97 8.09
CA LEU A 5 7.73 -2.41 7.89
C LEU A 5 6.42 -2.74 7.18
N CYS A 6 5.86 -1.75 6.49
CA CYS A 6 4.60 -1.93 5.76
C CYS A 6 4.17 -0.62 5.10
N PHE A 7 2.98 -0.64 4.50
CA PHE A 7 2.44 0.55 3.84
C PHE A 7 0.93 0.61 4.00
N ASN A 8 0.33 1.70 3.54
CA ASN A 8 -1.11 1.88 3.64
C ASN A 8 -1.65 2.71 2.48
N CYS A 9 -2.67 2.19 1.82
CA CYS A 9 -3.29 2.88 0.70
C CYS A 9 -4.12 4.06 1.19
N PRO A 10 -3.71 5.30 0.87
CA PRO A 10 -4.43 6.50 1.31
C PRO A 10 -5.77 6.68 0.60
N ILE A 11 -6.00 5.92 -0.46
CA ILE A 11 -7.25 6.03 -1.20
C ILE A 11 -8.40 5.32 -0.48
N CYS A 12 -8.22 4.05 -0.14
CA CYS A 12 -9.26 3.31 0.55
C CYS A 12 -8.86 2.96 1.99
N ASP A 13 -7.60 3.25 2.34
CA ASP A 13 -7.09 2.99 3.69
C ASP A 13 -6.69 1.53 3.87
N LYS A 14 -6.14 0.93 2.83
CA LYS A 14 -5.71 -0.46 2.89
C LYS A 14 -4.32 -0.56 3.51
N ILE A 15 -3.80 -1.79 3.58
CA ILE A 15 -2.47 -2.01 4.16
C ILE A 15 -1.71 -3.08 3.37
N PHE A 16 -0.38 -2.96 3.36
CA PHE A 16 0.47 -3.92 2.66
C PHE A 16 1.82 -4.04 3.35
N PRO A 17 2.31 -5.28 3.55
CA PRO A 17 3.61 -5.51 4.20
C PRO A 17 4.76 -4.89 3.41
N ALA A 18 5.81 -4.51 4.11
CA ALA A 18 6.97 -3.88 3.47
C ALA A 18 7.56 -4.77 2.38
N THR A 19 7.29 -6.08 2.47
CA THR A 19 7.80 -7.02 1.48
C THR A 19 6.97 -7.00 0.21
N GLU A 20 5.73 -6.55 0.33
CA GLU A 20 4.83 -6.49 -0.81
C GLU A 20 4.74 -5.07 -1.36
N LYS A 21 5.84 -4.32 -1.27
CA LYS A 21 5.87 -2.95 -1.76
C LYS A 21 5.41 -2.89 -3.21
N GLN A 22 5.66 -3.97 -3.95
CA GLN A 22 5.27 -4.06 -5.35
C GLN A 22 3.75 -4.05 -5.48
N ILE A 23 3.09 -4.84 -4.65
CA ILE A 23 1.64 -4.94 -4.68
C ILE A 23 1.01 -3.64 -4.16
N PHE A 24 1.72 -2.97 -3.25
CA PHE A 24 1.24 -1.72 -2.69
C PHE A 24 1.17 -0.64 -3.77
N GLU A 25 2.19 -0.63 -4.64
CA GLU A 25 2.25 0.34 -5.72
C GLU A 25 1.21 0.00 -6.77
N ASP A 26 0.98 -1.31 -6.95
CA ASP A 26 0.01 -1.78 -7.91
C ASP A 26 -1.41 -1.44 -7.45
N HIS A 27 -1.67 -1.70 -6.17
CA HIS A 27 -2.98 -1.42 -5.59
C HIS A 27 -3.35 0.04 -5.79
N VAL A 28 -2.47 0.93 -5.34
CA VAL A 28 -2.69 2.36 -5.50
C VAL A 28 -2.84 2.70 -6.98
N PHE A 29 -2.05 2.01 -7.79
CA PHE A 29 -2.09 2.21 -9.24
C PHE A 29 -3.50 1.97 -9.75
N CYS A 30 -4.22 1.08 -9.08
CA CYS A 30 -5.60 0.78 -9.46
C CYS A 30 -6.46 2.00 -9.21
N HIS A 31 -6.32 2.59 -8.04
CA HIS A 31 -7.07 3.79 -7.72
C HIS A 31 -6.66 4.91 -8.69
N SER A 32 -5.51 4.72 -9.34
CA SER A 32 -5.00 5.69 -10.30
C SER A 32 -5.76 5.60 -11.62
N LEU A 33 -6.48 4.51 -11.82
CA LEU A 33 -7.24 4.31 -13.04
C LEU A 33 -8.53 5.12 -13.05
N GLN A 1 2.00 2.66 14.69
CA GLN A 1 2.58 4.01 14.52
C GLN A 1 4.04 3.93 14.07
N MET A 2 4.32 4.47 12.89
CA MET A 2 5.67 4.46 12.34
C MET A 2 6.16 3.02 12.16
N GLN A 3 5.33 2.19 11.56
CA GLN A 3 5.68 0.78 11.32
C GLN A 3 6.01 0.54 9.85
N PRO A 4 7.31 0.42 9.52
CA PRO A 4 7.76 0.19 8.14
C PRO A 4 7.62 -1.27 7.71
N LEU A 5 6.91 -2.06 8.50
CA LEU A 5 6.70 -3.48 8.19
C LEU A 5 5.39 -3.70 7.45
N CYS A 6 4.93 -2.68 6.74
CA CYS A 6 3.68 -2.77 5.99
C CYS A 6 3.34 -1.43 5.32
N PHE A 7 2.83 -1.49 4.11
CA PHE A 7 2.45 -0.29 3.36
C PHE A 7 0.97 0.02 3.53
N ASN A 8 0.60 1.29 3.38
CA ASN A 8 -0.80 1.70 3.51
C ASN A 8 -1.21 2.61 2.37
N CYS A 9 -2.32 2.28 1.72
CA CYS A 9 -2.84 3.08 0.62
C CYS A 9 -3.54 4.33 1.15
N PRO A 10 -3.01 5.52 0.85
CA PRO A 10 -3.59 6.79 1.32
C PRO A 10 -4.86 7.17 0.55
N ILE A 11 -5.13 6.49 -0.56
CA ILE A 11 -6.30 6.79 -1.35
C ILE A 11 -7.58 6.27 -0.69
N CYS A 12 -7.60 4.98 -0.37
CA CYS A 12 -8.77 4.38 0.27
C CYS A 12 -8.47 3.93 1.70
N ASP A 13 -7.22 4.11 2.14
CA ASP A 13 -6.81 3.73 3.48
C ASP A 13 -6.58 2.23 3.58
N LYS A 14 -6.00 1.65 2.53
CA LYS A 14 -5.72 0.22 2.51
C LYS A 14 -4.39 -0.08 3.19
N ILE A 15 -4.10 -1.37 3.39
CA ILE A 15 -2.87 -1.78 4.04
C ILE A 15 -2.36 -3.11 3.51
N PHE A 16 -1.03 -3.27 3.52
CA PHE A 16 -0.39 -4.49 3.06
C PHE A 16 0.93 -4.72 3.79
N PRO A 17 1.41 -5.97 3.85
CA PRO A 17 2.66 -6.29 4.54
C PRO A 17 3.86 -5.71 3.80
N ALA A 18 4.97 -5.57 4.52
CA ALA A 18 6.20 -5.01 3.95
C ALA A 18 6.59 -5.73 2.65
N THR A 19 6.31 -7.03 2.60
CA THR A 19 6.63 -7.83 1.42
C THR A 19 5.59 -7.62 0.31
N GLU A 20 4.59 -6.78 0.58
CA GLU A 20 3.55 -6.52 -0.39
C GLU A 20 3.84 -5.24 -1.17
N LYS A 21 5.13 -4.92 -1.34
CA LYS A 21 5.52 -3.73 -2.07
C LYS A 21 5.00 -3.77 -3.50
N GLN A 22 4.88 -4.97 -4.04
CA GLN A 22 4.37 -5.16 -5.40
C GLN A 22 2.89 -4.87 -5.47
N ILE A 23 2.15 -5.39 -4.50
CA ILE A 23 0.71 -5.17 -4.44
C ILE A 23 0.38 -3.75 -4.01
N PHE A 24 1.26 -3.17 -3.20
CA PHE A 24 1.07 -1.80 -2.71
C PHE A 24 1.18 -0.80 -3.86
N GLU A 25 2.17 -1.01 -4.72
CA GLU A 25 2.38 -0.12 -5.86
C GLU A 25 1.30 -0.35 -6.90
N ASP A 26 0.90 -1.60 -7.03
CA ASP A 26 -0.14 -1.96 -7.99
C ASP A 26 -1.49 -1.43 -7.53
N HIS A 27 -1.76 -1.57 -6.24
CA HIS A 27 -3.01 -1.10 -5.67
C HIS A 27 -3.19 0.39 -5.93
N VAL A 28 -2.20 1.17 -5.52
CA VAL A 28 -2.23 2.61 -5.73
C VAL A 28 -2.35 2.92 -7.22
N PHE A 29 -1.67 2.10 -8.02
CA PHE A 29 -1.70 2.25 -9.46
C PHE A 29 -3.14 2.23 -9.95
N CYS A 30 -3.96 1.42 -9.29
CA CYS A 30 -5.36 1.31 -9.65
C CYS A 30 -6.06 2.65 -9.43
N HIS A 31 -5.84 3.23 -8.26
CA HIS A 31 -6.41 4.53 -7.96
C HIS A 31 -5.87 5.55 -8.94
N SER A 32 -4.77 5.20 -9.60
CA SER A 32 -4.13 6.07 -10.57
C SER A 32 -4.91 6.07 -11.89
N LEU A 33 -5.75 5.07 -12.08
CA LEU A 33 -6.53 4.96 -13.30
C LEU A 33 -7.70 5.93 -13.31
N GLN A 1 5.90 2.09 17.31
CA GLN A 1 5.00 1.96 16.12
C GLN A 1 5.67 1.14 15.02
N MET A 2 4.86 0.68 14.07
CA MET A 2 5.37 -0.13 12.96
C MET A 2 4.73 0.30 11.64
N GLN A 3 4.45 1.60 11.52
CA GLN A 3 3.84 2.13 10.32
C GLN A 3 4.78 2.02 9.12
N PRO A 4 6.03 2.49 9.27
CA PRO A 4 7.03 2.44 8.19
C PRO A 4 7.28 1.01 7.71
N LEU A 5 6.91 0.03 8.53
CA LEU A 5 7.11 -1.37 8.19
C LEU A 5 6.05 -1.86 7.19
N CYS A 6 5.12 -0.98 6.81
CA CYS A 6 4.08 -1.35 5.87
C CYS A 6 3.63 -0.14 5.05
N PHE A 7 2.59 -0.33 4.25
CA PHE A 7 2.06 0.74 3.41
C PHE A 7 0.54 0.69 3.35
N ASN A 8 -0.11 1.70 3.93
CA ASN A 8 -1.57 1.77 3.94
C ASN A 8 -2.09 2.54 2.72
N CYS A 9 -3.12 1.99 2.08
CA CYS A 9 -3.70 2.63 0.91
C CYS A 9 -4.53 3.85 1.32
N PRO A 10 -4.08 5.05 0.95
CA PRO A 10 -4.78 6.29 1.30
C PRO A 10 -6.07 6.48 0.49
N ILE A 11 -6.31 5.60 -0.47
CA ILE A 11 -7.52 5.70 -1.29
C ILE A 11 -8.70 4.96 -0.66
N CYS A 12 -8.51 3.68 -0.33
CA CYS A 12 -9.60 2.91 0.28
C CYS A 12 -9.26 2.49 1.71
N ASP A 13 -8.07 1.93 1.91
CA ASP A 13 -7.61 1.48 3.24
C ASP A 13 -6.60 0.35 3.12
N LYS A 14 -6.83 -0.54 2.15
CA LYS A 14 -5.96 -1.70 1.91
C LYS A 14 -4.50 -1.41 2.26
N ILE A 15 -3.92 -2.28 3.08
CA ILE A 15 -2.53 -2.11 3.50
C ILE A 15 -1.66 -3.27 3.00
N PHE A 16 -0.36 -3.03 2.93
CA PHE A 16 0.59 -4.04 2.48
C PHE A 16 1.92 -3.91 3.20
N PRO A 17 2.54 -5.03 3.59
CA PRO A 17 3.83 -5.02 4.29
C PRO A 17 4.87 -4.16 3.56
N ALA A 18 5.87 -3.71 4.30
CA ALA A 18 6.93 -2.87 3.74
C ALA A 18 7.66 -3.58 2.60
N THR A 19 7.76 -4.90 2.70
CA THR A 19 8.44 -5.69 1.68
C THR A 19 7.56 -5.89 0.45
N GLU A 20 6.27 -5.59 0.59
CA GLU A 20 5.32 -5.75 -0.51
C GLU A 20 5.08 -4.42 -1.21
N LYS A 21 6.11 -3.59 -1.30
CA LYS A 21 6.00 -2.29 -1.95
C LYS A 21 5.50 -2.45 -3.39
N GLN A 22 5.77 -3.61 -3.96
CA GLN A 22 5.35 -3.89 -5.34
C GLN A 22 3.83 -3.94 -5.44
N ILE A 23 3.23 -4.81 -4.66
CA ILE A 23 1.77 -4.96 -4.66
C ILE A 23 1.10 -3.66 -4.21
N PHE A 24 1.76 -2.93 -3.32
CA PHE A 24 1.22 -1.67 -2.81
C PHE A 24 1.14 -0.64 -3.94
N GLU A 25 2.12 -0.66 -4.83
CA GLU A 25 2.14 0.26 -5.96
C GLU A 25 1.10 -0.14 -6.99
N ASP A 26 0.89 -1.45 -7.11
CA ASP A 26 -0.09 -1.98 -8.05
C ASP A 26 -1.50 -1.65 -7.58
N HIS A 27 -1.76 -1.90 -6.30
CA HIS A 27 -3.06 -1.62 -5.72
C HIS A 27 -3.44 -0.16 -5.93
N VAL A 28 -2.56 0.74 -5.50
CA VAL A 28 -2.78 2.17 -5.67
C VAL A 28 -2.91 2.49 -7.14
N PHE A 29 -2.15 1.77 -7.95
CA PHE A 29 -2.19 1.95 -9.40
C PHE A 29 -3.61 1.76 -9.91
N CYS A 30 -4.35 0.85 -9.26
CA CYS A 30 -5.73 0.60 -9.65
C CYS A 30 -6.56 1.83 -9.39
N HIS A 31 -6.41 2.41 -8.21
CA HIS A 31 -7.13 3.63 -7.88
C HIS A 31 -6.70 4.73 -8.83
N SER A 32 -5.55 4.53 -9.48
CA SER A 32 -5.01 5.50 -10.42
C SER A 32 -5.77 5.45 -11.75
N LEU A 33 -6.52 4.37 -11.97
CA LEU A 33 -7.28 4.21 -13.20
C LEU A 33 -8.54 5.06 -13.19
N GLN A 1 5.61 4.14 18.00
CA GLN A 1 4.33 4.62 17.41
C GLN A 1 4.02 3.90 16.10
N MET A 2 4.70 4.29 15.04
CA MET A 2 4.51 3.68 13.73
C MET A 2 5.74 2.90 13.30
N GLN A 3 5.54 1.91 12.44
CA GLN A 3 6.64 1.09 11.94
C GLN A 3 6.56 0.93 10.42
N PRO A 4 7.71 1.07 9.72
CA PRO A 4 7.75 0.93 8.27
C PRO A 4 7.81 -0.52 7.82
N LEU A 5 6.83 -1.31 8.26
CA LEU A 5 6.77 -2.72 7.89
C LEU A 5 5.53 -3.01 7.06
N CYS A 6 5.05 -2.00 6.33
CA CYS A 6 3.87 -2.17 5.49
C CYS A 6 3.53 -0.86 4.78
N PHE A 7 2.46 -0.89 3.99
CA PHE A 7 2.02 0.29 3.26
C PHE A 7 0.49 0.35 3.19
N ASN A 8 -0.08 1.36 3.82
CA ASN A 8 -1.53 1.53 3.84
C ASN A 8 -1.99 2.37 2.66
N CYS A 9 -3.05 1.91 1.99
CA CYS A 9 -3.58 2.63 0.84
C CYS A 9 -4.33 3.88 1.28
N PRO A 10 -3.81 5.07 0.96
CA PRO A 10 -4.43 6.34 1.34
C PRO A 10 -5.69 6.63 0.54
N ILE A 11 -5.98 5.81 -0.47
CA ILE A 11 -7.17 6.01 -1.30
C ILE A 11 -8.40 5.32 -0.70
N CYS A 12 -8.28 4.03 -0.41
CA CYS A 12 -9.42 3.30 0.16
C CYS A 12 -9.13 2.83 1.59
N ASP A 13 -7.97 2.18 1.79
CA ASP A 13 -7.56 1.69 3.11
C ASP A 13 -6.62 0.50 2.98
N LYS A 14 -6.90 -0.36 2.00
CA LYS A 14 -6.11 -1.57 1.74
C LYS A 14 -4.65 -1.40 2.12
N ILE A 15 -4.14 -2.31 2.96
CA ILE A 15 -2.76 -2.26 3.40
C ILE A 15 -2.02 -3.54 3.01
N PHE A 16 -0.69 -3.47 2.99
CA PHE A 16 0.13 -4.61 2.63
C PHE A 16 1.48 -4.56 3.33
N PRO A 17 2.16 -5.72 3.50
CA PRO A 17 3.45 -5.79 4.16
C PRO A 17 4.53 -5.03 3.40
N ALA A 18 5.57 -4.62 4.11
CA ALA A 18 6.67 -3.87 3.51
C ALA A 18 7.30 -4.65 2.35
N THR A 19 7.21 -5.97 2.40
CA THR A 19 7.77 -6.81 1.35
C THR A 19 6.85 -6.84 0.14
N GLU A 20 5.61 -6.41 0.31
CA GLU A 20 4.64 -6.41 -0.77
C GLU A 20 4.55 -5.02 -1.41
N LYS A 21 5.68 -4.31 -1.44
CA LYS A 21 5.72 -2.98 -2.03
C LYS A 21 5.24 -3.00 -3.47
N GLN A 22 5.38 -4.15 -4.12
CA GLN A 22 4.96 -4.31 -5.50
C GLN A 22 3.43 -4.23 -5.62
N ILE A 23 2.75 -4.89 -4.70
CA ILE A 23 1.29 -4.89 -4.70
C ILE A 23 0.74 -3.54 -4.24
N PHE A 24 1.49 -2.86 -3.37
CA PHE A 24 1.08 -1.56 -2.86
C PHE A 24 1.12 -0.51 -3.97
N GLU A 25 2.12 -0.62 -4.84
CA GLU A 25 2.28 0.32 -5.94
C GLU A 25 1.25 0.01 -7.02
N ASP A 26 0.98 -1.27 -7.21
CA ASP A 26 0.01 -1.70 -8.21
C ASP A 26 -1.40 -1.33 -7.77
N HIS A 27 -1.69 -1.61 -6.50
CA HIS A 27 -3.00 -1.31 -5.94
C HIS A 27 -3.33 0.17 -6.13
N VAL A 28 -2.44 1.02 -5.65
CA VAL A 28 -2.61 2.46 -5.80
C VAL A 28 -2.73 2.82 -7.27
N PHE A 29 -1.99 2.09 -8.09
CA PHE A 29 -2.03 2.31 -9.53
C PHE A 29 -3.45 2.17 -10.04
N CYS A 30 -4.20 1.26 -9.42
CA CYS A 30 -5.59 1.06 -9.80
C CYS A 30 -6.40 2.30 -9.53
N HIS A 31 -6.22 2.86 -8.34
CA HIS A 31 -6.91 4.09 -7.98
C HIS A 31 -6.45 5.20 -8.92
N SER A 32 -5.31 4.97 -9.57
CA SER A 32 -4.74 5.94 -10.51
C SER A 32 -5.50 5.93 -11.83
N LEU A 33 -6.28 4.88 -12.06
CA LEU A 33 -7.03 4.75 -13.30
C LEU A 33 -8.28 5.64 -13.28
N GLN A 1 5.86 5.20 17.54
CA GLN A 1 7.18 5.03 16.88
C GLN A 1 7.02 4.91 15.37
N MET A 2 8.05 5.32 14.63
CA MET A 2 8.03 5.26 13.18
C MET A 2 8.55 3.92 12.68
N GLN A 3 7.63 3.00 12.42
CA GLN A 3 7.98 1.67 11.94
C GLN A 3 7.06 1.23 10.82
N PRO A 4 7.40 1.58 9.56
CA PRO A 4 6.59 1.21 8.40
C PRO A 4 6.64 -0.29 8.11
N LEU A 5 5.91 -1.06 8.91
CA LEU A 5 5.86 -2.51 8.74
C LEU A 5 4.80 -2.92 7.72
N CYS A 6 4.18 -1.94 7.07
CA CYS A 6 3.16 -2.22 6.07
C CYS A 6 2.78 -0.95 5.31
N PHE A 7 1.75 -1.07 4.47
CA PHE A 7 1.28 0.06 3.68
C PHE A 7 -0.22 -0.04 3.42
N ASN A 8 -0.97 0.92 3.94
CA ASN A 8 -2.42 0.95 3.76
C ASN A 8 -2.82 1.79 2.56
N CYS A 9 -3.73 1.25 1.75
CA CYS A 9 -4.21 1.96 0.56
C CYS A 9 -5.15 3.10 0.98
N PRO A 10 -4.82 4.34 0.60
CA PRO A 10 -5.64 5.51 0.94
C PRO A 10 -6.85 5.71 0.04
N ILE A 11 -7.21 4.67 -0.72
CA ILE A 11 -8.36 4.75 -1.61
C ILE A 11 -9.47 3.82 -1.17
N CYS A 12 -9.15 2.54 -0.97
CA CYS A 12 -10.16 1.57 -0.54
C CYS A 12 -9.86 1.03 0.87
N ASP A 13 -8.75 1.48 1.46
CA ASP A 13 -8.35 1.06 2.81
C ASP A 13 -7.61 -0.27 2.78
N LYS A 14 -7.12 -0.66 1.61
CA LYS A 14 -6.39 -1.92 1.47
C LYS A 14 -5.16 -1.93 2.37
N ILE A 15 -4.51 -3.08 2.46
CA ILE A 15 -3.31 -3.22 3.29
C ILE A 15 -2.27 -4.11 2.59
N PHE A 16 -1.01 -3.79 2.80
CA PHE A 16 0.09 -4.56 2.20
C PHE A 16 1.32 -4.54 3.11
N PRO A 17 1.97 -5.69 3.32
CA PRO A 17 3.17 -5.77 4.15
C PRO A 17 4.26 -4.82 3.68
N ALA A 18 5.20 -4.51 4.56
CA ALA A 18 6.30 -3.61 4.23
C ALA A 18 7.07 -4.13 3.02
N THR A 19 7.13 -5.45 2.88
CA THR A 19 7.82 -6.06 1.75
C THR A 19 6.98 -6.02 0.48
N GLU A 20 5.71 -5.64 0.62
CA GLU A 20 4.81 -5.56 -0.51
C GLU A 20 4.73 -4.15 -1.07
N LYS A 21 5.80 -3.39 -0.91
CA LYS A 21 5.84 -2.01 -1.41
C LYS A 21 5.59 -1.98 -2.91
N GLN A 22 6.02 -3.04 -3.59
CA GLN A 22 5.83 -3.13 -5.04
C GLN A 22 4.36 -3.27 -5.38
N ILE A 23 3.72 -4.26 -4.77
CA ILE A 23 2.30 -4.51 -4.99
C ILE A 23 1.45 -3.35 -4.48
N PHE A 24 1.93 -2.71 -3.41
CA PHE A 24 1.22 -1.58 -2.83
C PHE A 24 1.18 -0.41 -3.79
N GLU A 25 2.28 -0.20 -4.51
CA GLU A 25 2.35 0.88 -5.48
C GLU A 25 1.49 0.56 -6.69
N ASP A 26 1.45 -0.73 -7.02
CA ASP A 26 0.65 -1.18 -8.15
C ASP A 26 -0.83 -1.08 -7.85
N HIS A 27 -1.21 -1.53 -6.65
CA HIS A 27 -2.60 -1.48 -6.22
C HIS A 27 -3.14 -0.07 -6.31
N VAL A 28 -2.45 0.86 -5.67
CA VAL A 28 -2.85 2.26 -5.70
C VAL A 28 -2.88 2.75 -7.14
N PHE A 29 -1.92 2.26 -7.93
CA PHE A 29 -1.84 2.62 -9.33
C PHE A 29 -3.15 2.29 -10.03
N CYS A 30 -3.81 1.23 -9.55
CA CYS A 30 -5.08 0.82 -10.11
C CYS A 30 -6.12 1.90 -9.86
N HIS A 31 -6.18 2.37 -8.62
CA HIS A 31 -7.11 3.43 -8.28
C HIS A 31 -6.75 4.68 -9.07
N SER A 32 -5.52 4.70 -9.60
CA SER A 32 -5.03 5.83 -10.39
C SER A 32 -5.62 5.81 -11.79
N LEU A 33 -6.18 4.66 -12.18
CA LEU A 33 -6.76 4.52 -13.50
C LEU A 33 -8.14 5.18 -13.58
N GLN A 1 9.23 4.09 17.29
CA GLN A 1 8.49 3.73 16.05
C GLN A 1 8.97 4.57 14.86
N MET A 2 9.68 3.93 13.95
CA MET A 2 10.20 4.61 12.77
C MET A 2 9.27 4.40 11.57
N GLN A 3 8.64 3.24 11.51
CA GLN A 3 7.73 2.92 10.42
C GLN A 3 6.66 1.93 10.86
N PRO A 4 5.48 1.96 10.23
CA PRO A 4 4.37 1.06 10.58
C PRO A 4 4.63 -0.38 10.14
N LEU A 5 5.62 -0.58 9.28
CA LEU A 5 5.96 -1.91 8.78
C LEU A 5 4.80 -2.50 7.99
N CYS A 6 4.06 -1.64 7.30
CA CYS A 6 2.92 -2.08 6.51
C CYS A 6 2.36 -0.92 5.69
N PHE A 7 1.96 -1.21 4.45
CA PHE A 7 1.40 -0.19 3.58
C PHE A 7 -0.12 -0.27 3.56
N ASN A 8 -0.77 0.85 3.22
CA ASN A 8 -2.22 0.88 3.17
C ASN A 8 -2.72 1.81 2.08
N CYS A 9 -3.65 1.31 1.27
CA CYS A 9 -4.22 2.09 0.18
C CYS A 9 -5.29 3.04 0.70
N PRO A 10 -5.13 4.35 0.48
CA PRO A 10 -6.08 5.36 0.94
C PRO A 10 -7.33 5.46 0.05
N ILE A 11 -7.25 4.90 -1.15
CA ILE A 11 -8.37 4.95 -2.09
C ILE A 11 -9.51 4.04 -1.64
N CYS A 12 -9.20 2.75 -1.42
CA CYS A 12 -10.21 1.80 -0.99
C CYS A 12 -10.00 1.35 0.45
N ASP A 13 -8.92 1.81 1.07
CA ASP A 13 -8.60 1.45 2.46
C ASP A 13 -7.99 0.06 2.55
N LYS A 14 -7.15 -0.28 1.57
CA LYS A 14 -6.49 -1.58 1.56
C LYS A 14 -5.23 -1.55 2.41
N ILE A 15 -4.74 -2.72 2.80
CA ILE A 15 -3.54 -2.80 3.63
C ILE A 15 -2.74 -4.07 3.35
N PHE A 16 -1.42 -3.92 3.32
CA PHE A 16 -0.51 -5.05 3.10
C PHE A 16 0.80 -4.83 3.84
N PRO A 17 1.55 -5.90 4.13
CA PRO A 17 2.82 -5.80 4.84
C PRO A 17 3.80 -4.84 4.17
N ALA A 18 4.79 -4.39 4.92
CA ALA A 18 5.78 -3.45 4.40
C ALA A 18 6.57 -4.07 3.25
N THR A 19 6.64 -5.39 3.22
CA THR A 19 7.35 -6.10 2.16
C THR A 19 6.52 -6.16 0.88
N GLU A 20 5.29 -5.66 0.95
CA GLU A 20 4.41 -5.67 -0.21
C GLU A 20 4.44 -4.32 -0.93
N LYS A 21 5.58 -3.62 -0.83
CA LYS A 21 5.74 -2.33 -1.48
C LYS A 21 5.44 -2.41 -2.97
N GLN A 22 5.69 -3.58 -3.55
CA GLN A 22 5.44 -3.80 -4.97
C GLN A 22 3.94 -3.83 -5.25
N ILE A 23 3.20 -4.46 -4.35
CA ILE A 23 1.76 -4.57 -4.49
C ILE A 23 1.07 -3.27 -4.10
N PHE A 24 1.67 -2.55 -3.16
CA PHE A 24 1.12 -1.28 -2.69
C PHE A 24 1.26 -0.22 -3.77
N GLU A 25 2.34 -0.29 -4.53
CA GLU A 25 2.59 0.66 -5.61
C GLU A 25 1.71 0.33 -6.80
N ASP A 26 1.60 -0.96 -7.10
CA ASP A 26 0.78 -1.41 -8.21
C ASP A 26 -0.70 -1.23 -7.88
N HIS A 27 -1.05 -1.53 -6.63
CA HIS A 27 -2.43 -1.42 -6.17
C HIS A 27 -2.92 0.01 -6.35
N VAL A 28 -2.19 0.96 -5.78
CA VAL A 28 -2.53 2.36 -5.89
C VAL A 28 -2.52 2.80 -7.35
N PHE A 29 -1.61 2.23 -8.11
CA PHE A 29 -1.50 2.53 -9.53
C PHE A 29 -2.81 2.27 -10.23
N CYS A 30 -3.49 1.22 -9.79
CA CYS A 30 -4.78 0.86 -10.38
C CYS A 30 -5.79 1.96 -10.11
N HIS A 31 -5.86 2.41 -8.87
CA HIS A 31 -6.76 3.50 -8.52
C HIS A 31 -6.34 4.76 -9.28
N SER A 32 -5.11 4.75 -9.79
CA SER A 32 -4.58 5.87 -10.54
C SER A 32 -5.13 5.90 -11.95
N LEU A 33 -5.71 4.80 -12.38
CA LEU A 33 -6.28 4.70 -13.72
C LEU A 33 -7.63 5.41 -13.80
N GLN A 1 10.94 5.08 11.74
CA GLN A 1 11.30 4.08 12.78
C GLN A 1 10.07 3.71 13.62
N MET A 2 9.18 4.67 13.81
CA MET A 2 7.97 4.43 14.59
C MET A 2 6.76 4.26 13.67
N GLN A 3 6.67 3.10 13.03
CA GLN A 3 5.56 2.82 12.13
C GLN A 3 5.21 1.34 12.14
N PRO A 4 3.99 0.98 11.68
CA PRO A 4 3.52 -0.41 11.64
C PRO A 4 4.38 -1.29 10.73
N LEU A 5 5.21 -0.65 9.90
CA LEU A 5 6.07 -1.38 8.97
C LEU A 5 5.26 -1.94 7.80
N CYS A 6 4.20 -1.21 7.42
CA CYS A 6 3.34 -1.61 6.32
C CYS A 6 2.71 -0.40 5.65
N PHE A 7 1.80 -0.66 4.73
CA PHE A 7 1.10 0.41 4.01
C PHE A 7 -0.39 0.15 3.98
N ASN A 8 -1.17 1.15 3.61
CA ASN A 8 -2.62 1.02 3.55
C ASN A 8 -3.20 1.79 2.37
N CYS A 9 -3.98 1.10 1.53
CA CYS A 9 -4.60 1.73 0.38
C CYS A 9 -5.78 2.60 0.82
N PRO A 10 -5.67 3.93 0.65
CA PRO A 10 -6.73 4.86 1.05
C PRO A 10 -7.99 4.73 0.18
N ILE A 11 -7.87 4.03 -0.94
CA ILE A 11 -9.00 3.86 -1.85
C ILE A 11 -9.97 2.79 -1.35
N CYS A 12 -9.46 1.58 -1.08
CA CYS A 12 -10.32 0.50 -0.62
C CYS A 12 -9.91 0.00 0.78
N ASP A 13 -8.81 0.56 1.31
CA ASP A 13 -8.32 0.19 2.64
C ASP A 13 -7.38 -1.02 2.59
N LYS A 14 -6.93 -1.38 1.39
CA LYS A 14 -6.02 -2.51 1.24
C LYS A 14 -4.77 -2.32 2.10
N ILE A 15 -4.06 -3.41 2.36
CA ILE A 15 -2.85 -3.34 3.19
C ILE A 15 -1.72 -4.18 2.61
N PHE A 16 -0.50 -3.69 2.74
CA PHE A 16 0.68 -4.39 2.23
C PHE A 16 1.88 -4.16 3.16
N PRO A 17 2.72 -5.18 3.37
CA PRO A 17 3.90 -5.05 4.23
C PRO A 17 4.86 -3.98 3.72
N ALA A 18 5.63 -3.40 4.64
CA ALA A 18 6.58 -2.36 4.28
C ALA A 18 7.53 -2.81 3.17
N THR A 19 7.78 -4.11 3.10
CA THR A 19 8.67 -4.67 2.09
C THR A 19 7.96 -4.78 0.75
N GLU A 20 6.63 -4.71 0.76
CA GLU A 20 5.85 -4.81 -0.45
C GLU A 20 5.40 -3.45 -0.95
N LYS A 21 6.23 -2.43 -0.70
CA LYS A 21 5.90 -1.07 -1.12
C LYS A 21 5.66 -1.02 -2.63
N GLN A 22 6.33 -1.92 -3.36
CA GLN A 22 6.18 -1.98 -4.81
C GLN A 22 4.75 -2.33 -5.19
N ILE A 23 4.26 -3.44 -4.63
CA ILE A 23 2.90 -3.89 -4.90
C ILE A 23 1.89 -2.86 -4.42
N PHE A 24 2.23 -2.15 -3.36
CA PHE A 24 1.35 -1.13 -2.79
C PHE A 24 1.14 0.01 -3.80
N GLU A 25 2.20 0.36 -4.50
CA GLU A 25 2.13 1.43 -5.49
C GLU A 25 1.36 0.94 -6.71
N ASP A 26 1.50 -0.34 -7.02
CA ASP A 26 0.82 -0.94 -8.15
C ASP A 26 -0.68 -1.04 -7.86
N HIS A 27 -1.01 -1.50 -6.66
CA HIS A 27 -2.39 -1.65 -6.24
C HIS A 27 -3.13 -0.33 -6.38
N VAL A 28 -2.58 0.71 -5.75
CA VAL A 28 -3.17 2.04 -5.84
C VAL A 28 -3.23 2.47 -7.29
N PHE A 29 -2.19 2.11 -8.04
CA PHE A 29 -2.13 2.43 -9.46
C PHE A 29 -3.36 1.89 -10.17
N CYS A 30 -3.89 0.79 -9.66
CA CYS A 30 -5.08 0.19 -10.23
C CYS A 30 -6.27 1.11 -10.04
N HIS A 31 -6.43 1.60 -8.81
CA HIS A 31 -7.50 2.53 -8.51
C HIS A 31 -7.31 3.80 -9.34
N SER A 32 -6.09 3.98 -9.84
CA SER A 32 -5.77 5.14 -10.65
C SER A 32 -6.33 5.01 -12.07
N LEU A 33 -6.67 3.78 -12.44
CA LEU A 33 -7.21 3.51 -13.76
C LEU A 33 -8.66 3.95 -13.88
N GLN A 1 1.90 8.31 12.56
CA GLN A 1 3.33 7.90 12.56
C GLN A 1 3.60 6.86 11.48
N MET A 2 4.83 6.34 11.45
CA MET A 2 5.22 5.35 10.46
C MET A 2 5.23 3.95 11.08
N GLN A 3 5.12 2.93 10.23
CA GLN A 3 5.11 1.55 10.69
C GLN A 3 5.62 0.61 9.60
N PRO A 4 6.96 0.44 9.50
CA PRO A 4 7.57 -0.44 8.49
C PRO A 4 7.00 -1.85 8.53
N LEU A 5 7.64 -2.76 7.79
CA LEU A 5 7.20 -4.15 7.75
C LEU A 5 5.79 -4.27 7.18
N CYS A 6 5.39 -3.28 6.37
CA CYS A 6 4.07 -3.27 5.77
C CYS A 6 3.84 -1.99 4.97
N PHE A 7 2.62 -1.83 4.46
CA PHE A 7 2.27 -0.64 3.68
C PHE A 7 0.75 -0.51 3.58
N ASN A 8 0.23 0.60 4.08
CA ASN A 8 -1.21 0.83 4.05
C ASN A 8 -1.58 1.86 2.99
N CYS A 9 -2.60 1.56 2.21
CA CYS A 9 -3.07 2.46 1.16
C CYS A 9 -3.81 3.66 1.76
N PRO A 10 -3.26 4.87 1.63
CA PRO A 10 -3.88 6.08 2.17
C PRO A 10 -5.13 6.50 1.42
N ILE A 11 -5.35 5.93 0.23
CA ILE A 11 -6.50 6.28 -0.58
C ILE A 11 -7.77 5.65 -0.02
N CYS A 12 -7.77 4.33 0.18
CA CYS A 12 -8.95 3.65 0.72
C CYS A 12 -8.69 3.09 2.13
N ASP A 13 -7.47 3.28 2.62
CA ASP A 13 -7.11 2.81 3.96
C ASP A 13 -6.86 1.30 3.95
N LYS A 14 -6.21 0.82 2.89
CA LYS A 14 -5.91 -0.60 2.77
C LYS A 14 -4.60 -0.94 3.46
N ILE A 15 -4.28 -2.23 3.53
CA ILE A 15 -3.05 -2.69 4.16
C ILE A 15 -2.31 -3.70 3.28
N PHE A 16 -1.00 -3.78 3.46
CA PHE A 16 -0.18 -4.70 2.69
C PHE A 16 1.10 -5.06 3.43
N PRO A 17 1.56 -6.32 3.34
CA PRO A 17 2.78 -6.75 4.01
C PRO A 17 4.02 -6.15 3.37
N ALA A 18 5.11 -6.08 4.14
CA ALA A 18 6.36 -5.51 3.65
C ALA A 18 6.76 -6.11 2.30
N THR A 19 6.50 -7.40 2.12
CA THR A 19 6.84 -8.10 0.89
C THR A 19 5.82 -7.81 -0.22
N GLU A 20 4.88 -6.91 0.05
CA GLU A 20 3.85 -6.57 -0.92
C GLU A 20 4.10 -5.18 -1.50
N LYS A 21 5.36 -4.82 -1.66
CA LYS A 21 5.71 -3.52 -2.20
C LYS A 21 5.24 -3.37 -3.64
N GLN A 22 5.21 -4.48 -4.37
CA GLN A 22 4.77 -4.47 -5.76
C GLN A 22 3.25 -4.42 -5.84
N ILE A 23 2.57 -5.04 -4.87
CA ILE A 23 1.12 -5.05 -4.83
C ILE A 23 0.61 -3.75 -4.23
N PHE A 24 1.39 -3.19 -3.32
CA PHE A 24 1.04 -1.93 -2.68
C PHE A 24 1.17 -0.79 -3.68
N GLU A 25 2.18 -0.88 -4.52
CA GLU A 25 2.43 0.13 -5.54
C GLU A 25 1.40 -0.02 -6.65
N ASP A 26 1.04 -1.27 -6.94
CA ASP A 26 0.05 -1.55 -7.95
C ASP A 26 -1.34 -1.12 -7.49
N HIS A 27 -1.66 -1.46 -6.25
CA HIS A 27 -2.95 -1.09 -5.67
C HIS A 27 -3.17 0.40 -5.77
N VAL A 28 -2.22 1.17 -5.24
CA VAL A 28 -2.29 2.62 -5.29
C VAL A 28 -2.39 3.08 -6.74
N PHE A 29 -1.67 2.36 -7.61
CA PHE A 29 -1.68 2.66 -9.02
C PHE A 29 -3.11 2.64 -9.54
N CYS A 30 -3.93 1.77 -8.97
CA CYS A 30 -5.32 1.68 -9.36
C CYS A 30 -6.05 2.96 -9.03
N HIS A 31 -5.86 3.44 -7.81
CA HIS A 31 -6.46 4.69 -7.39
C HIS A 31 -5.92 5.82 -8.26
N SER A 32 -4.79 5.54 -8.93
CA SER A 32 -4.16 6.52 -9.81
C SER A 32 -4.91 6.64 -11.13
N LEU A 33 -5.75 5.64 -11.42
CA LEU A 33 -6.51 5.64 -12.66
C LEU A 33 -7.70 6.59 -12.59
N GLN A 1 3.62 5.90 14.41
CA GLN A 1 2.89 6.65 13.36
C GLN A 1 3.48 6.38 11.98
N MET A 2 3.48 5.11 11.58
CA MET A 2 4.02 4.72 10.28
C MET A 2 3.84 3.23 10.04
N GLN A 3 4.03 2.43 11.09
CA GLN A 3 3.88 0.99 10.98
C GLN A 3 4.86 0.40 9.97
N PRO A 4 6.16 0.42 10.30
CA PRO A 4 7.21 -0.12 9.42
C PRO A 4 6.96 -1.57 9.03
N LEU A 5 7.76 -2.07 8.10
CA LEU A 5 7.62 -3.45 7.64
C LEU A 5 6.24 -3.70 7.05
N CYS A 6 5.69 -2.67 6.42
CA CYS A 6 4.36 -2.77 5.82
C CYS A 6 4.10 -1.61 4.86
N PHE A 7 2.90 -1.55 4.32
CA PHE A 7 2.52 -0.49 3.39
C PHE A 7 1.02 -0.22 3.46
N ASN A 8 0.66 1.03 3.79
CA ASN A 8 -0.74 1.40 3.90
C ASN A 8 -1.16 2.31 2.74
N CYS A 9 -2.32 2.00 2.16
CA CYS A 9 -2.84 2.78 1.05
C CYS A 9 -3.48 4.08 1.55
N PRO A 10 -2.91 5.24 1.21
CA PRO A 10 -3.42 6.54 1.65
C PRO A 10 -4.71 6.95 0.94
N ILE A 11 -5.16 6.14 -0.01
CA ILE A 11 -6.39 6.44 -0.74
C ILE A 11 -7.61 5.82 -0.07
N CYS A 12 -7.58 4.50 0.16
CA CYS A 12 -8.71 3.83 0.79
C CYS A 12 -8.34 3.24 2.16
N ASP A 13 -7.03 3.18 2.44
CA ASP A 13 -6.52 2.66 3.73
C ASP A 13 -6.12 1.19 3.65
N LYS A 14 -6.11 0.61 2.45
CA LYS A 14 -5.72 -0.79 2.31
C LYS A 14 -4.24 -0.97 2.67
N ILE A 15 -3.98 -1.86 3.62
CA ILE A 15 -2.61 -2.11 4.06
C ILE A 15 -2.12 -3.49 3.65
N PHE A 16 -0.82 -3.61 3.44
CA PHE A 16 -0.20 -4.87 3.05
C PHE A 16 1.17 -5.01 3.71
N PRO A 17 1.74 -6.23 3.74
CA PRO A 17 3.06 -6.46 4.35
C PRO A 17 4.18 -5.80 3.56
N ALA A 18 5.31 -5.60 4.22
CA ALA A 18 6.46 -4.97 3.57
C ALA A 18 6.87 -5.72 2.31
N THR A 19 6.64 -7.02 2.29
CA THR A 19 6.98 -7.85 1.14
C THR A 19 5.94 -7.71 0.03
N GLU A 20 4.88 -6.97 0.31
CA GLU A 20 3.81 -6.76 -0.67
C GLU A 20 3.99 -5.42 -1.38
N LYS A 21 5.23 -4.97 -1.49
CA LYS A 21 5.52 -3.69 -2.15
C LYS A 21 5.01 -3.70 -3.59
N GLN A 22 5.01 -4.88 -4.21
CA GLN A 22 4.54 -5.02 -5.58
C GLN A 22 3.04 -4.73 -5.67
N ILE A 23 2.28 -5.37 -4.79
CA ILE A 23 0.83 -5.18 -4.76
C ILE A 23 0.47 -3.78 -4.27
N PHE A 24 1.32 -3.23 -3.40
CA PHE A 24 1.09 -1.90 -2.85
C PHE A 24 1.19 -0.84 -3.94
N GLU A 25 2.13 -1.04 -4.87
CA GLU A 25 2.34 -0.10 -5.96
C GLU A 25 1.23 -0.25 -6.99
N ASP A 26 0.81 -1.49 -7.21
CA ASP A 26 -0.25 -1.77 -8.16
C ASP A 26 -1.59 -1.29 -7.61
N HIS A 27 -1.81 -1.51 -6.32
CA HIS A 27 -3.04 -1.10 -5.67
C HIS A 27 -3.22 0.41 -5.79
N VAL A 28 -2.22 1.17 -5.37
CA VAL A 28 -2.27 2.61 -5.45
C VAL A 28 -2.42 3.04 -6.90
N PHE A 29 -1.75 2.30 -7.78
CA PHE A 29 -1.81 2.56 -9.21
C PHE A 29 -3.25 2.57 -9.68
N CYS A 30 -4.07 1.70 -9.09
CA CYS A 30 -5.48 1.63 -9.43
C CYS A 30 -6.17 2.93 -9.07
N HIS A 31 -5.92 3.41 -7.86
CA HIS A 31 -6.50 4.67 -7.43
C HIS A 31 -5.98 5.78 -8.33
N SER A 32 -4.88 5.49 -9.04
CA SER A 32 -4.28 6.47 -9.94
C SER A 32 -5.07 6.57 -11.24
N LEU A 33 -5.91 5.59 -11.50
CA LEU A 33 -6.72 5.57 -12.72
C LEU A 33 -7.90 6.54 -12.61
N GLN A 1 12.63 5.83 11.58
CA GLN A 1 12.16 6.46 12.83
C GLN A 1 11.12 5.61 13.54
N MET A 2 10.33 4.88 12.76
CA MET A 2 9.29 4.02 13.30
C MET A 2 8.58 3.26 12.19
N GLN A 3 8.12 3.99 11.20
CA GLN A 3 7.42 3.39 10.06
C GLN A 3 6.15 2.69 10.52
N PRO A 4 5.10 2.70 9.66
CA PRO A 4 3.82 2.05 9.97
C PRO A 4 3.91 0.53 9.92
N LEU A 5 5.02 0.01 9.40
CA LEU A 5 5.21 -1.43 9.30
C LEU A 5 4.22 -2.05 8.31
N CYS A 6 3.59 -1.20 7.50
CA CYS A 6 2.63 -1.67 6.50
C CYS A 6 1.91 -0.49 5.85
N PHE A 7 0.95 -0.79 5.00
CA PHE A 7 0.18 0.25 4.30
C PHE A 7 -1.25 -0.22 4.06
N ASN A 8 -2.16 0.74 3.90
CA ASN A 8 -3.56 0.43 3.66
C ASN A 8 -4.06 1.13 2.39
N CYS A 9 -4.73 0.37 1.53
CA CYS A 9 -5.26 0.92 0.28
C CYS A 9 -6.50 1.75 0.57
N PRO A 10 -6.50 3.04 0.16
CA PRO A 10 -7.62 3.95 0.39
C PRO A 10 -8.76 3.77 -0.62
N ILE A 11 -8.70 2.70 -1.41
CA ILE A 11 -9.75 2.45 -2.39
C ILE A 11 -10.56 1.20 -2.05
N CYS A 12 -9.87 0.07 -1.83
CA CYS A 12 -10.57 -1.17 -1.47
C CYS A 12 -10.25 -1.61 -0.04
N ASP A 13 -9.29 -0.94 0.60
CA ASP A 13 -8.90 -1.23 1.97
C ASP A 13 -7.85 -2.35 2.03
N LYS A 14 -7.28 -2.69 0.88
CA LYS A 14 -6.25 -3.74 0.84
C LYS A 14 -5.01 -3.31 1.62
N ILE A 15 -4.51 -4.20 2.46
CA ILE A 15 -3.33 -3.91 3.26
C ILE A 15 -2.07 -4.51 2.64
N PHE A 16 -0.92 -3.90 2.94
CA PHE A 16 0.36 -4.37 2.41
C PHE A 16 1.46 -4.19 3.44
N PRO A 17 2.48 -5.06 3.43
CA PRO A 17 3.61 -4.98 4.36
C PRO A 17 4.52 -3.79 4.05
N ALA A 18 5.11 -3.22 5.10
CA ALA A 18 5.99 -2.08 4.94
C ALA A 18 7.15 -2.40 4.00
N THR A 19 7.47 -3.68 3.85
CA THR A 19 8.56 -4.10 2.98
C THR A 19 8.13 -4.08 1.52
N GLU A 20 6.84 -4.26 1.28
CA GLU A 20 6.32 -4.27 -0.08
C GLU A 20 5.70 -2.93 -0.44
N LYS A 21 6.29 -1.85 0.05
CA LYS A 21 5.80 -0.51 -0.24
C LYS A 21 5.64 -0.31 -1.75
N GLN A 22 6.45 -1.03 -2.51
CA GLN A 22 6.40 -0.94 -3.96
C GLN A 22 5.11 -1.54 -4.50
N ILE A 23 4.69 -2.64 -3.89
CA ILE A 23 3.45 -3.32 -4.30
C ILE A 23 2.23 -2.49 -3.89
N PHE A 24 2.36 -1.76 -2.78
CA PHE A 24 1.28 -0.94 -2.28
C PHE A 24 1.07 0.27 -3.19
N GLU A 25 2.17 0.79 -3.75
CA GLU A 25 2.11 1.92 -4.64
C GLU A 25 1.53 1.50 -5.97
N ASP A 26 1.90 0.30 -6.40
CA ASP A 26 1.42 -0.25 -7.66
C ASP A 26 -0.06 -0.61 -7.55
N HIS A 27 -0.43 -1.24 -6.44
CA HIS A 27 -1.81 -1.64 -6.20
C HIS A 27 -2.72 -0.42 -6.32
N VAL A 28 -2.42 0.60 -5.55
CA VAL A 28 -3.20 1.84 -5.57
C VAL A 28 -3.19 2.41 -6.99
N PHE A 29 -2.04 2.29 -7.64
CA PHE A 29 -1.88 2.78 -9.00
C PHE A 29 -2.94 2.14 -9.90
N CYS A 30 -3.33 0.91 -9.56
CA CYS A 30 -4.34 0.21 -10.32
C CYS A 30 -5.68 0.92 -10.17
N HIS A 31 -6.03 1.23 -8.94
CA HIS A 31 -7.26 1.95 -8.67
C HIS A 31 -7.20 3.32 -9.34
N SER A 32 -5.98 3.73 -9.69
CA SER A 32 -5.76 5.01 -10.35
C SER A 32 -6.15 4.95 -11.83
N LEU A 33 -6.27 3.73 -12.35
CA LEU A 33 -6.62 3.54 -13.75
C LEU A 33 -8.11 3.78 -13.98
N GLN A 1 7.11 1.66 18.45
CA GLN A 1 7.95 2.80 18.00
C GLN A 1 7.99 2.88 16.48
N MET A 2 6.82 2.97 15.86
CA MET A 2 6.72 3.06 14.41
C MET A 2 7.34 1.83 13.74
N GLN A 3 6.51 0.87 13.38
CA GLN A 3 6.97 -0.36 12.74
C GLN A 3 6.64 -0.35 11.24
N PRO A 4 7.55 0.15 10.40
CA PRO A 4 7.34 0.20 8.96
C PRO A 4 7.30 -1.18 8.32
N LEU A 5 6.18 -1.88 8.49
CA LEU A 5 6.02 -3.21 7.93
C LEU A 5 4.68 -3.33 7.21
N CYS A 6 4.24 -2.25 6.58
CA CYS A 6 2.98 -2.24 5.86
C CYS A 6 2.76 -0.89 5.18
N PHE A 7 2.25 -0.93 3.95
CA PHE A 7 2.00 0.29 3.18
C PHE A 7 0.50 0.58 3.12
N ASN A 8 0.17 1.87 3.12
CA ASN A 8 -1.24 2.28 3.07
C ASN A 8 -1.51 3.17 1.86
N CYS A 9 -2.56 2.84 1.12
CA CYS A 9 -2.95 3.61 -0.06
C CYS A 9 -3.64 4.91 0.36
N PRO A 10 -3.01 6.07 0.12
CA PRO A 10 -3.58 7.37 0.49
C PRO A 10 -4.77 7.77 -0.38
N ILE A 11 -4.99 7.05 -1.48
CA ILE A 11 -6.09 7.36 -2.37
C ILE A 11 -7.43 6.94 -1.78
N CYS A 12 -7.54 5.66 -1.38
CA CYS A 12 -8.79 5.17 -0.81
C CYS A 12 -8.59 4.66 0.63
N ASP A 13 -7.34 4.63 1.08
CA ASP A 13 -7.00 4.18 2.45
C ASP A 13 -6.86 2.66 2.53
N LYS A 14 -6.37 2.05 1.46
CA LYS A 14 -6.19 0.60 1.43
C LYS A 14 -4.80 0.24 1.96
N ILE A 15 -4.76 -0.45 3.10
CA ILE A 15 -3.49 -0.83 3.72
C ILE A 15 -3.20 -2.32 3.55
N PHE A 16 -1.91 -2.63 3.41
CA PHE A 16 -1.45 -4.01 3.25
C PHE A 16 -0.12 -4.19 3.98
N PRO A 17 0.28 -5.45 4.22
CA PRO A 17 1.55 -5.75 4.91
C PRO A 17 2.77 -5.43 4.05
N ALA A 18 3.89 -5.17 4.71
CA ALA A 18 5.13 -4.84 4.01
C ALA A 18 5.52 -5.93 3.02
N THR A 19 5.02 -7.15 3.26
CA THR A 19 5.32 -8.27 2.38
C THR A 19 4.47 -8.21 1.11
N GLU A 20 3.40 -7.41 1.16
CA GLU A 20 2.51 -7.28 0.01
C GLU A 20 2.85 -6.02 -0.79
N LYS A 21 4.14 -5.67 -0.81
CA LYS A 21 4.59 -4.49 -1.54
C LYS A 21 4.13 -4.53 -2.99
N GLN A 22 3.93 -5.74 -3.51
CA GLN A 22 3.48 -5.91 -4.88
C GLN A 22 2.03 -5.45 -5.04
N ILE A 23 1.24 -5.65 -3.99
CA ILE A 23 -0.16 -5.25 -4.01
C ILE A 23 -0.30 -3.75 -3.77
N PHE A 24 0.61 -3.18 -2.98
CA PHE A 24 0.58 -1.75 -2.69
C PHE A 24 0.98 -0.94 -3.92
N GLU A 25 1.89 -1.48 -4.72
CA GLU A 25 2.34 -0.81 -5.93
C GLU A 25 1.30 -0.95 -7.02
N ASP A 26 0.73 -2.15 -7.12
CA ASP A 26 -0.29 -2.42 -8.11
C ASP A 26 -1.58 -1.70 -7.77
N HIS A 27 -1.93 -1.73 -6.49
CA HIS A 27 -3.14 -1.08 -6.01
C HIS A 27 -3.10 0.42 -6.33
N VAL A 28 -2.04 1.08 -5.88
CA VAL A 28 -1.87 2.49 -6.12
C VAL A 28 -1.81 2.76 -7.62
N PHE A 29 -1.19 1.82 -8.34
CA PHE A 29 -1.07 1.92 -9.78
C PHE A 29 -2.44 2.05 -10.42
N CYS A 30 -3.42 1.38 -9.81
CA CYS A 30 -4.80 1.45 -10.31
C CYS A 30 -5.33 2.86 -10.19
N HIS A 31 -5.15 3.46 -9.01
CA HIS A 31 -5.57 4.82 -8.80
C HIS A 31 -4.79 5.75 -9.73
N SER A 32 -3.68 5.23 -10.25
CA SER A 32 -2.83 5.98 -11.16
C SER A 32 -3.45 6.05 -12.55
N LEU A 33 -4.42 5.18 -12.81
CA LEU A 33 -5.08 5.14 -14.11
C LEU A 33 -6.09 6.29 -14.25
N GLN A 1 1.86 7.60 7.34
CA GLN A 1 2.26 6.19 7.66
C GLN A 1 2.92 6.11 9.03
N MET A 2 3.06 4.89 9.53
CA MET A 2 3.68 4.68 10.84
C MET A 2 4.17 3.23 10.98
N GLN A 3 3.23 2.30 11.01
CA GLN A 3 3.54 0.89 11.15
C GLN A 3 4.64 0.46 10.17
N PRO A 4 5.89 0.31 10.65
CA PRO A 4 7.01 -0.10 9.80
C PRO A 4 6.90 -1.54 9.34
N LEU A 5 7.80 -1.93 8.43
CA LEU A 5 7.79 -3.29 7.90
C LEU A 5 6.45 -3.63 7.27
N CYS A 6 5.80 -2.64 6.68
CA CYS A 6 4.50 -2.83 6.05
C CYS A 6 4.15 -1.65 5.15
N PHE A 7 2.93 -1.66 4.61
CA PHE A 7 2.47 -0.60 3.73
C PHE A 7 0.99 -0.30 4.01
N ASN A 8 0.58 0.94 3.77
CA ASN A 8 -0.80 1.34 3.99
C ASN A 8 -1.31 2.23 2.87
N CYS A 9 -2.40 1.82 2.22
CA CYS A 9 -2.99 2.60 1.13
C CYS A 9 -3.76 3.78 1.69
N PRO A 10 -3.32 5.01 1.41
CA PRO A 10 -3.98 6.23 1.91
C PRO A 10 -5.34 6.47 1.26
N ILE A 11 -5.62 5.78 0.15
CA ILE A 11 -6.88 5.95 -0.56
C ILE A 11 -8.03 5.22 0.14
N CYS A 12 -7.86 3.92 0.39
CA CYS A 12 -8.92 3.15 1.04
C CYS A 12 -8.48 2.64 2.42
N ASP A 13 -7.24 2.96 2.81
CA ASP A 13 -6.70 2.55 4.10
C ASP A 13 -6.25 1.09 4.08
N LYS A 14 -5.98 0.56 2.89
CA LYS A 14 -5.55 -0.82 2.76
C LYS A 14 -4.22 -1.03 3.46
N ILE A 15 -3.80 -2.29 3.58
CA ILE A 15 -2.54 -2.61 4.24
C ILE A 15 -1.89 -3.86 3.65
N PHE A 16 -0.56 -3.83 3.51
CA PHE A 16 0.19 -4.95 2.99
C PHE A 16 1.54 -5.07 3.69
N PRO A 17 2.17 -6.24 3.64
CA PRO A 17 3.48 -6.46 4.27
C PRO A 17 4.59 -5.66 3.59
N ALA A 18 5.72 -5.54 4.26
CA ALA A 18 6.85 -4.80 3.73
C ALA A 18 7.31 -5.37 2.39
N THR A 19 7.17 -6.68 2.23
CA THR A 19 7.56 -7.35 0.99
C THR A 19 6.52 -7.16 -0.11
N GLU A 20 5.42 -6.50 0.24
CA GLU A 20 4.34 -6.25 -0.72
C GLU A 20 4.46 -4.86 -1.34
N LYS A 21 5.68 -4.32 -1.36
CA LYS A 21 5.92 -3.00 -1.92
C LYS A 21 5.45 -2.95 -3.37
N GLN A 22 5.61 -4.05 -4.07
CA GLN A 22 5.19 -4.14 -5.47
C GLN A 22 3.68 -4.07 -5.56
N ILE A 23 3.01 -4.78 -4.67
CA ILE A 23 1.55 -4.79 -4.64
C ILE A 23 1.00 -3.47 -4.12
N PHE A 24 1.76 -2.83 -3.24
CA PHE A 24 1.37 -1.55 -2.67
C PHE A 24 1.36 -0.46 -3.75
N GLU A 25 2.32 -0.55 -4.67
CA GLU A 25 2.42 0.42 -5.75
C GLU A 25 1.33 0.15 -6.78
N ASP A 26 1.07 -1.13 -7.02
CA ASP A 26 0.05 -1.53 -7.97
C ASP A 26 -1.34 -1.20 -7.43
N HIS A 27 -1.54 -1.47 -6.15
CA HIS A 27 -2.81 -1.21 -5.50
C HIS A 27 -3.18 0.27 -5.62
N VAL A 28 -2.26 1.13 -5.18
CA VAL A 28 -2.47 2.56 -5.25
C VAL A 28 -2.66 2.98 -6.70
N PHE A 29 -1.90 2.34 -7.58
CA PHE A 29 -1.98 2.60 -9.01
C PHE A 29 -3.42 2.44 -9.48
N CYS A 30 -4.13 1.49 -8.88
CA CYS A 30 -5.51 1.25 -9.24
C CYS A 30 -6.37 2.46 -8.88
N HIS A 31 -6.18 2.96 -7.67
CA HIS A 31 -6.91 4.15 -7.24
C HIS A 31 -6.53 5.31 -8.13
N SER A 32 -5.40 5.17 -8.83
CA SER A 32 -4.91 6.20 -9.74
C SER A 32 -5.71 6.22 -11.04
N LEU A 33 -6.41 5.14 -11.32
CA LEU A 33 -7.20 5.02 -12.54
C LEU A 33 -8.49 5.84 -12.44
N GLN A 1 3.21 2.73 17.34
CA GLN A 1 3.16 3.36 16.00
C GLN A 1 3.09 2.31 14.90
N MET A 2 4.17 1.58 14.72
CA MET A 2 4.24 0.53 13.70
C MET A 2 4.00 1.11 12.31
N GLN A 3 5.05 1.68 11.72
CA GLN A 3 4.94 2.27 10.38
C GLN A 3 5.64 1.40 9.34
N PRO A 4 6.94 1.09 9.53
CA PRO A 4 7.70 0.27 8.58
C PRO A 4 7.15 -1.14 8.48
N LEU A 5 7.81 -1.98 7.68
CA LEU A 5 7.39 -3.36 7.49
C LEU A 5 5.99 -3.44 6.87
N CYS A 6 5.57 -2.36 6.21
CA CYS A 6 4.26 -2.33 5.59
C CYS A 6 4.07 -1.03 4.79
N PHE A 7 2.85 -0.84 4.30
CA PHE A 7 2.52 0.36 3.52
C PHE A 7 1.05 0.73 3.71
N ASN A 8 0.71 1.96 3.34
CA ASN A 8 -0.67 2.43 3.47
C ASN A 8 -1.10 3.21 2.23
N CYS A 9 -2.21 2.79 1.63
CA CYS A 9 -2.73 3.46 0.44
C CYS A 9 -3.40 4.79 0.85
N PRO A 10 -2.80 5.92 0.45
CA PRO A 10 -3.34 7.25 0.79
C PRO A 10 -4.67 7.56 0.09
N ILE A 11 -5.07 6.71 -0.85
CA ILE A 11 -6.33 6.94 -1.57
C ILE A 11 -7.53 6.39 -0.80
N CYS A 12 -7.48 5.11 -0.43
CA CYS A 12 -8.59 4.51 0.31
C CYS A 12 -8.18 4.10 1.74
N ASP A 13 -6.88 4.22 2.04
CA ASP A 13 -6.35 3.86 3.36
C ASP A 13 -6.11 2.37 3.50
N LYS A 14 -5.90 1.69 2.37
CA LYS A 14 -5.64 0.25 2.39
C LYS A 14 -4.19 -0.03 2.79
N ILE A 15 -4.02 -0.87 3.79
CA ILE A 15 -2.69 -1.24 4.28
C ILE A 15 -2.15 -2.47 3.56
N PHE A 16 -0.83 -2.58 3.52
CA PHE A 16 -0.17 -3.71 2.86
C PHE A 16 1.13 -4.07 3.59
N PRO A 17 1.41 -5.37 3.78
CA PRO A 17 2.63 -5.81 4.47
C PRO A 17 3.87 -5.49 3.66
N ALA A 18 5.01 -5.39 4.34
CA ALA A 18 6.28 -5.08 3.69
C ALA A 18 6.53 -5.99 2.49
N THR A 19 6.07 -7.23 2.58
CA THR A 19 6.25 -8.20 1.51
C THR A 19 5.24 -7.96 0.38
N GLU A 20 4.31 -7.05 0.60
CA GLU A 20 3.29 -6.74 -0.40
C GLU A 20 3.61 -5.45 -1.13
N LYS A 21 4.90 -5.11 -1.19
CA LYS A 21 5.32 -3.88 -1.87
C LYS A 21 4.86 -3.89 -3.32
N GLN A 22 4.89 -5.07 -3.94
CA GLN A 22 4.47 -5.22 -5.32
C GLN A 22 2.97 -4.95 -5.47
N ILE A 23 2.19 -5.57 -4.60
CA ILE A 23 0.75 -5.41 -4.62
C ILE A 23 0.36 -3.99 -4.20
N PHE A 24 1.17 -3.41 -3.33
CA PHE A 24 0.92 -2.05 -2.85
C PHE A 24 1.08 -1.04 -3.99
N GLU A 25 2.05 -1.29 -4.85
CA GLU A 25 2.31 -0.41 -5.98
C GLU A 25 1.20 -0.57 -7.01
N ASP A 26 0.74 -1.81 -7.17
CA ASP A 26 -0.32 -2.11 -8.11
C ASP A 26 -1.64 -1.54 -7.62
N HIS A 27 -1.91 -1.72 -6.33
CA HIS A 27 -3.14 -1.22 -5.73
C HIS A 27 -3.29 0.28 -5.97
N VAL A 28 -2.26 1.02 -5.57
CA VAL A 28 -2.27 2.46 -5.76
C VAL A 28 -2.37 2.79 -7.24
N PHE A 29 -1.72 1.95 -8.05
CA PHE A 29 -1.75 2.10 -9.50
C PHE A 29 -3.19 2.10 -9.99
N CYS A 30 -4.04 1.36 -9.28
CA CYS A 30 -5.45 1.28 -9.65
C CYS A 30 -6.11 2.62 -9.42
N HIS A 31 -5.87 3.21 -8.25
CA HIS A 31 -6.41 4.51 -7.95
C HIS A 31 -5.84 5.54 -8.92
N SER A 32 -4.74 5.15 -9.59
CA SER A 32 -4.10 6.03 -10.56
C SER A 32 -4.87 6.05 -11.87
N LEU A 33 -5.75 5.07 -12.06
CA LEU A 33 -6.54 4.98 -13.27
C LEU A 33 -7.69 5.99 -13.26
N GLN A 1 3.77 1.57 19.99
CA GLN A 1 4.79 2.14 19.09
C GLN A 1 4.38 2.01 17.63
N MET A 2 5.13 2.67 16.75
CA MET A 2 4.84 2.63 15.32
C MET A 2 6.05 2.10 14.54
N GLN A 3 5.78 1.29 13.52
CA GLN A 3 6.83 0.72 12.69
C GLN A 3 6.41 0.68 11.23
N PRO A 4 6.94 1.59 10.39
CA PRO A 4 6.60 1.64 8.96
C PRO A 4 7.07 0.41 8.20
N LEU A 5 6.46 -0.73 8.50
CA LEU A 5 6.80 -1.99 7.85
C LEU A 5 5.73 -2.38 6.84
N CYS A 6 5.11 -1.39 6.23
CA CYS A 6 4.06 -1.64 5.24
C CYS A 6 3.67 -0.34 4.53
N PHE A 7 2.63 -0.41 3.71
CA PHE A 7 2.16 0.75 2.98
C PHE A 7 0.63 0.80 2.97
N ASN A 8 0.07 1.85 3.56
CA ASN A 8 -1.38 2.01 3.62
C ASN A 8 -1.89 2.69 2.35
N CYS A 9 -2.97 2.13 1.79
CA CYS A 9 -3.56 2.68 0.58
C CYS A 9 -4.31 3.98 0.88
N PRO A 10 -4.03 5.06 0.13
CA PRO A 10 -4.68 6.35 0.33
C PRO A 10 -6.00 6.48 -0.44
N ILE A 11 -6.62 5.34 -0.74
CA ILE A 11 -7.89 5.35 -1.47
C ILE A 11 -8.95 4.54 -0.74
N CYS A 12 -8.63 3.28 -0.42
CA CYS A 12 -9.58 2.43 0.29
C CYS A 12 -9.10 2.09 1.70
N ASP A 13 -7.89 2.54 2.04
CA ASP A 13 -7.32 2.30 3.37
C ASP A 13 -6.66 0.93 3.45
N LYS A 14 -6.48 0.28 2.30
CA LYS A 14 -5.85 -1.03 2.26
C LYS A 14 -4.45 -0.98 2.85
N ILE A 15 -3.80 -2.14 2.93
CA ILE A 15 -2.45 -2.21 3.47
C ILE A 15 -1.62 -3.28 2.76
N PHE A 16 -0.31 -3.03 2.67
CA PHE A 16 0.59 -3.97 2.01
C PHE A 16 1.96 -3.97 2.72
N PRO A 17 2.52 -5.16 3.01
CA PRO A 17 3.81 -5.27 3.67
C PRO A 17 4.90 -4.48 2.94
N ALA A 18 5.86 -3.97 3.71
CA ALA A 18 6.95 -3.17 3.16
C ALA A 18 7.69 -3.93 2.05
N THR A 19 7.66 -5.25 2.12
CA THR A 19 8.33 -6.09 1.13
C THR A 19 7.51 -6.18 -0.14
N GLU A 20 6.21 -5.91 -0.04
CA GLU A 20 5.33 -5.98 -1.19
C GLU A 20 5.06 -4.59 -1.76
N LYS A 21 6.06 -3.71 -1.67
CA LYS A 21 5.93 -2.35 -2.18
C LYS A 21 5.44 -2.37 -3.62
N GLN A 22 5.79 -3.42 -4.35
CA GLN A 22 5.37 -3.57 -5.73
C GLN A 22 3.86 -3.78 -5.82
N ILE A 23 3.33 -4.56 -4.90
CA ILE A 23 1.90 -4.83 -4.85
C ILE A 23 1.13 -3.59 -4.43
N PHE A 24 1.76 -2.76 -3.59
CA PHE A 24 1.14 -1.53 -3.12
C PHE A 24 1.08 -0.49 -4.23
N GLU A 25 2.07 -0.54 -5.12
CA GLU A 25 2.12 0.40 -6.23
C GLU A 25 1.07 0.02 -7.27
N ASP A 26 0.89 -1.28 -7.47
CA ASP A 26 -0.08 -1.78 -8.42
C ASP A 26 -1.50 -1.53 -7.91
N HIS A 27 -1.71 -1.81 -6.64
CA HIS A 27 -3.02 -1.62 -6.03
C HIS A 27 -3.47 -0.17 -6.17
N VAL A 28 -2.64 0.74 -5.70
CA VAL A 28 -2.94 2.17 -5.80
C VAL A 28 -3.11 2.55 -7.27
N PHE A 29 -2.28 1.96 -8.11
CA PHE A 29 -2.34 2.21 -9.54
C PHE A 29 -3.74 1.89 -10.05
N CYS A 30 -4.40 0.93 -9.41
CA CYS A 30 -5.74 0.56 -9.79
C CYS A 30 -6.69 1.71 -9.53
N HIS A 31 -6.59 2.28 -8.34
CA HIS A 31 -7.41 3.43 -7.99
C HIS A 31 -7.08 4.58 -8.94
N SER A 32 -5.91 4.47 -9.59
CA SER A 32 -5.47 5.49 -10.53
C SER A 32 -6.20 5.38 -11.86
N LEU A 33 -6.87 4.25 -12.08
CA LEU A 33 -7.61 4.02 -13.31
C LEU A 33 -8.94 4.76 -13.29
N GLN A 1 0.49 3.96 15.46
CA GLN A 1 1.76 3.58 14.79
C GLN A 1 1.55 3.32 13.30
N MET A 2 2.62 3.47 12.52
CA MET A 2 2.54 3.26 11.08
C MET A 2 3.32 2.00 10.67
N GLN A 3 4.39 1.71 11.39
CA GLN A 3 5.21 0.54 11.11
C GLN A 3 5.82 0.64 9.71
N PRO A 4 7.15 0.84 9.61
CA PRO A 4 7.84 0.94 8.32
C PRO A 4 8.02 -0.41 7.64
N LEU A 5 7.55 -1.48 8.28
CA LEU A 5 7.67 -2.82 7.72
C LEU A 5 6.51 -3.12 6.76
N CYS A 6 5.70 -2.10 6.47
CA CYS A 6 4.57 -2.27 5.56
C CYS A 6 4.23 -0.96 4.86
N PHE A 7 3.13 -0.95 4.12
CA PHE A 7 2.69 0.24 3.40
C PHE A 7 1.17 0.33 3.40
N ASN A 8 0.65 1.47 3.83
CA ASN A 8 -0.79 1.68 3.88
C ASN A 8 -1.27 2.56 2.72
N CYS A 9 -2.34 2.12 2.07
CA CYS A 9 -2.91 2.87 0.95
C CYS A 9 -3.66 4.09 1.47
N PRO A 10 -3.17 5.30 1.15
CA PRO A 10 -3.80 6.56 1.60
C PRO A 10 -5.14 6.83 0.94
N ILE A 11 -5.47 6.09 -0.11
CA ILE A 11 -6.73 6.30 -0.80
C ILE A 11 -7.90 5.63 -0.07
N CYS A 12 -7.79 4.35 0.22
CA CYS A 12 -8.86 3.63 0.92
C CYS A 12 -8.43 3.22 2.33
N ASP A 13 -7.17 3.49 2.69
CA ASP A 13 -6.64 3.15 4.01
C ASP A 13 -6.32 1.67 4.10
N LYS A 14 -5.84 1.10 2.99
CA LYS A 14 -5.49 -0.31 2.96
C LYS A 14 -4.10 -0.53 3.55
N ILE A 15 -3.62 -1.77 3.48
CA ILE A 15 -2.31 -2.10 4.01
C ILE A 15 -1.64 -3.21 3.20
N PHE A 16 -0.31 -3.12 3.09
CA PHE A 16 0.46 -4.10 2.34
C PHE A 16 1.85 -4.27 2.94
N PRO A 17 2.27 -5.52 3.25
CA PRO A 17 3.59 -5.78 3.83
C PRO A 17 4.70 -5.10 3.05
N ALA A 18 5.80 -4.78 3.73
CA ALA A 18 6.93 -4.12 3.10
C ALA A 18 7.51 -4.96 1.97
N THR A 19 7.34 -6.27 2.06
CA THR A 19 7.85 -7.19 1.05
C THR A 19 6.94 -7.21 -0.17
N GLU A 20 5.69 -6.78 0.01
CA GLU A 20 4.74 -6.76 -1.09
C GLU A 20 4.63 -5.37 -1.70
N LYS A 21 5.75 -4.65 -1.73
CA LYS A 21 5.78 -3.31 -2.30
C LYS A 21 5.23 -3.30 -3.72
N GLN A 22 5.34 -4.44 -4.39
CA GLN A 22 4.86 -4.57 -5.76
C GLN A 22 3.34 -4.51 -5.80
N ILE A 23 2.70 -5.30 -4.95
CA ILE A 23 1.25 -5.33 -4.87
C ILE A 23 0.70 -4.01 -4.33
N PHE A 24 1.49 -3.37 -3.47
CA PHE A 24 1.08 -2.09 -2.89
C PHE A 24 1.08 -1.00 -3.95
N GLU A 25 2.02 -1.09 -4.88
CA GLU A 25 2.12 -0.10 -5.95
C GLU A 25 0.99 -0.32 -6.95
N ASP A 26 0.63 -1.58 -7.16
CA ASP A 26 -0.43 -1.93 -8.07
C ASP A 26 -1.78 -1.49 -7.50
N HIS A 27 -1.99 -1.76 -6.22
CA HIS A 27 -3.22 -1.40 -5.55
C HIS A 27 -3.47 0.11 -5.67
N VAL A 28 -2.49 0.89 -5.25
CA VAL A 28 -2.58 2.33 -5.34
C VAL A 28 -2.75 2.75 -6.80
N PHE A 29 -2.07 2.02 -7.68
CA PHE A 29 -2.15 2.28 -9.11
C PHE A 29 -3.60 2.21 -9.56
N CYS A 30 -4.38 1.37 -8.90
CA CYS A 30 -5.79 1.22 -9.24
C CYS A 30 -6.52 2.50 -8.90
N HIS A 31 -6.28 3.02 -7.71
CA HIS A 31 -6.88 4.27 -7.29
C HIS A 31 -6.41 5.38 -8.22
N SER A 32 -5.32 5.12 -8.93
CA SER A 32 -4.76 6.09 -9.86
C SER A 32 -5.57 6.15 -11.15
N LEU A 33 -6.40 5.14 -11.37
CA LEU A 33 -7.23 5.08 -12.57
C LEU A 33 -8.42 6.02 -12.47
N GLN A 1 10.99 5.78 17.53
CA GLN A 1 10.53 5.82 16.12
C GLN A 1 9.45 4.78 15.85
N MET A 2 8.29 5.23 15.39
CA MET A 2 7.18 4.34 15.10
C MET A 2 7.17 3.94 13.62
N GLN A 3 7.51 2.68 13.36
CA GLN A 3 7.55 2.17 11.99
C GLN A 3 6.42 1.16 11.76
N PRO A 4 5.29 1.62 11.20
CA PRO A 4 4.14 0.75 10.93
C PRO A 4 4.53 -0.52 10.19
N LEU A 5 5.57 -0.42 9.37
CA LEU A 5 6.05 -1.55 8.59
C LEU A 5 4.94 -2.12 7.70
N CYS A 6 4.24 -1.24 7.00
CA CYS A 6 3.16 -1.65 6.11
C CYS A 6 2.64 -0.48 5.29
N PHE A 7 1.65 -0.75 4.45
CA PHE A 7 1.06 0.28 3.61
C PHE A 7 -0.44 0.01 3.41
N ASN A 8 -1.25 1.03 3.64
CA ASN A 8 -2.70 0.90 3.50
C ASN A 8 -3.21 1.58 2.23
N CYS A 9 -4.06 0.88 1.49
CA CYS A 9 -4.63 1.42 0.26
C CYS A 9 -5.71 2.47 0.57
N PRO A 10 -5.57 3.68 -0.01
CA PRO A 10 -6.53 4.77 0.22
C PRO A 10 -7.75 4.70 -0.68
N ILE A 11 -8.08 3.50 -1.18
CA ILE A 11 -9.23 3.33 -2.05
C ILE A 11 -10.14 2.22 -1.56
N CYS A 12 -9.58 1.03 -1.34
CA CYS A 12 -10.37 -0.11 -0.86
C CYS A 12 -9.97 -0.54 0.54
N ASP A 13 -8.87 0.04 1.05
CA ASP A 13 -8.37 -0.27 2.40
C ASP A 13 -7.42 -1.47 2.39
N LYS A 14 -7.03 -1.92 1.20
CA LYS A 14 -6.11 -3.04 1.08
C LYS A 14 -4.75 -2.70 1.70
N ILE A 15 -4.27 -3.54 2.60
CA ILE A 15 -3.00 -3.30 3.27
C ILE A 15 -1.96 -4.37 2.93
N PHE A 16 -0.70 -3.95 2.85
CA PHE A 16 0.39 -4.86 2.54
C PHE A 16 1.62 -4.53 3.41
N PRO A 17 2.66 -5.38 3.37
CA PRO A 17 3.87 -5.16 4.16
C PRO A 17 4.61 -3.90 3.72
N ALA A 18 5.49 -3.41 4.57
CA ALA A 18 6.26 -2.21 4.27
C ALA A 18 7.29 -2.48 3.17
N THR A 19 7.73 -3.74 3.07
CA THR A 19 8.70 -4.13 2.07
C THR A 19 8.04 -4.31 0.70
N GLU A 20 6.72 -4.37 0.69
CA GLU A 20 5.98 -4.54 -0.55
C GLU A 20 5.50 -3.21 -1.10
N LYS A 21 6.28 -2.16 -0.86
CA LYS A 21 5.93 -0.82 -1.33
C LYS A 21 5.70 -0.83 -2.84
N GLN A 22 6.36 -1.75 -3.53
CA GLN A 22 6.23 -1.87 -4.97
C GLN A 22 4.79 -2.24 -5.35
N ILE A 23 4.29 -3.30 -4.73
CA ILE A 23 2.93 -3.76 -4.99
C ILE A 23 1.92 -2.73 -4.50
N PHE A 24 2.28 -2.01 -3.45
CA PHE A 24 1.40 -0.98 -2.88
C PHE A 24 1.15 0.14 -3.89
N GLU A 25 2.20 0.49 -4.63
CA GLU A 25 2.09 1.55 -5.63
C GLU A 25 1.33 1.05 -6.85
N ASP A 26 1.55 -0.22 -7.17
CA ASP A 26 0.88 -0.84 -8.32
C ASP A 26 -0.60 -1.01 -8.03
N HIS A 27 -0.91 -1.48 -6.82
CA HIS A 27 -2.28 -1.69 -6.41
C HIS A 27 -3.07 -0.39 -6.51
N VAL A 28 -2.57 0.64 -5.84
CA VAL A 28 -3.22 1.95 -5.86
C VAL A 28 -3.31 2.45 -7.30
N PHE A 29 -2.25 2.20 -8.06
CA PHE A 29 -2.20 2.59 -9.45
C PHE A 29 -3.42 2.03 -10.19
N CYS A 30 -3.85 0.85 -9.77
CA CYS A 30 -5.02 0.23 -10.38
C CYS A 30 -6.24 1.07 -10.13
N HIS A 31 -6.43 1.48 -8.89
CA HIS A 31 -7.56 2.33 -8.55
C HIS A 31 -7.43 3.65 -9.31
N SER A 32 -6.22 3.92 -9.80
CA SER A 32 -5.95 5.13 -10.55
C SER A 32 -6.48 5.03 -11.98
N LEU A 33 -6.77 3.81 -12.41
CA LEU A 33 -7.27 3.59 -13.76
C LEU A 33 -8.75 3.96 -13.86
N GLN A 1 13.24 7.65 9.74
CA GLN A 1 13.65 6.27 10.07
C GLN A 1 12.48 5.47 10.63
N MET A 2 11.59 6.15 11.32
CA MET A 2 10.41 5.50 11.91
C MET A 2 9.26 5.44 10.93
N GLN A 3 8.61 4.28 10.86
CA GLN A 3 7.49 4.09 9.95
C GLN A 3 6.68 2.85 10.33
N PRO A 4 5.37 2.86 10.03
CA PRO A 4 4.48 1.73 10.35
C PRO A 4 5.01 0.40 9.83
N LEU A 5 4.32 -0.67 10.18
CA LEU A 5 4.73 -2.01 9.74
C LEU A 5 3.87 -2.50 8.58
N CYS A 6 3.07 -1.61 8.00
CA CYS A 6 2.21 -1.97 6.89
C CYS A 6 1.43 -0.76 6.38
N PHE A 7 0.51 -1.00 5.45
CA PHE A 7 -0.30 0.07 4.88
C PHE A 7 -1.67 -0.45 4.46
N ASN A 8 -2.55 0.45 4.03
CA ASN A 8 -3.88 0.06 3.60
C ASN A 8 -4.33 0.88 2.39
N CYS A 9 -4.89 0.19 1.40
CA CYS A 9 -5.36 0.85 0.18
C CYS A 9 -6.67 1.59 0.46
N PRO A 10 -6.66 2.94 0.37
CA PRO A 10 -7.85 3.75 0.63
C PRO A 10 -8.92 3.62 -0.45
N ILE A 11 -8.62 2.90 -1.53
CA ILE A 11 -9.58 2.74 -2.61
C ILE A 11 -10.48 1.52 -2.38
N CYS A 12 -9.87 0.35 -2.16
CA CYS A 12 -10.67 -0.87 -1.92
C CYS A 12 -10.50 -1.39 -0.50
N ASP A 13 -9.50 -0.87 0.23
CA ASP A 13 -9.25 -1.26 1.62
C ASP A 13 -8.31 -2.47 1.73
N LYS A 14 -7.49 -2.69 0.70
CA LYS A 14 -6.54 -3.80 0.73
C LYS A 14 -5.30 -3.43 1.54
N ILE A 15 -4.95 -4.30 2.48
CA ILE A 15 -3.78 -4.07 3.32
C ILE A 15 -2.49 -4.48 2.62
N PHE A 16 -1.36 -3.95 3.08
CA PHE A 16 -0.07 -4.26 2.50
C PHE A 16 1.05 -4.10 3.53
N PRO A 17 1.78 -5.19 3.84
CA PRO A 17 2.87 -5.16 4.82
C PRO A 17 3.89 -4.07 4.49
N ALA A 18 4.68 -3.70 5.49
CA ALA A 18 5.70 -2.68 5.31
C ALA A 18 6.75 -3.11 4.29
N THR A 19 6.93 -4.42 4.15
CA THR A 19 7.90 -4.96 3.20
C THR A 19 7.34 -4.93 1.79
N GLU A 20 6.01 -4.89 1.68
CA GLU A 20 5.35 -4.86 0.39
C GLU A 20 4.97 -3.44 -0.01
N LYS A 21 5.73 -2.47 0.49
CA LYS A 21 5.47 -1.06 0.19
C LYS A 21 5.47 -0.83 -1.32
N GLN A 22 6.29 -1.60 -2.03
CA GLN A 22 6.39 -1.48 -3.47
C GLN A 22 5.08 -1.91 -4.13
N ILE A 23 4.52 -3.01 -3.64
CA ILE A 23 3.27 -3.53 -4.17
C ILE A 23 2.10 -2.63 -3.77
N PHE A 24 2.23 -2.01 -2.60
CA PHE A 24 1.18 -1.12 -2.11
C PHE A 24 1.08 0.13 -2.98
N GLU A 25 2.23 0.60 -3.46
CA GLU A 25 2.27 1.78 -4.31
C GLU A 25 1.76 1.44 -5.70
N ASP A 26 2.10 0.25 -6.16
CA ASP A 26 1.67 -0.21 -7.47
C ASP A 26 0.17 -0.52 -7.45
N HIS A 27 -0.28 -1.13 -6.36
CA HIS A 27 -1.68 -1.49 -6.19
C HIS A 27 -2.55 -0.24 -6.30
N VAL A 28 -2.24 0.75 -5.48
CA VAL A 28 -2.97 2.02 -5.50
C VAL A 28 -2.85 2.64 -6.88
N PHE A 29 -1.67 2.53 -7.46
CA PHE A 29 -1.41 3.06 -8.79
C PHE A 29 -2.43 2.50 -9.78
N CYS A 30 -2.87 1.27 -9.53
CA CYS A 30 -3.86 0.64 -10.39
C CYS A 30 -5.17 1.37 -10.29
N HIS A 31 -5.60 1.64 -9.06
CA HIS A 31 -6.82 2.38 -8.83
C HIS A 31 -6.69 3.78 -9.44
N SER A 32 -5.44 4.19 -9.70
CA SER A 32 -5.17 5.49 -10.28
C SER A 32 -5.46 5.50 -11.78
N LEU A 33 -5.56 4.31 -12.36
CA LEU A 33 -5.83 4.18 -13.78
C LEU A 33 -7.30 4.45 -14.09
N GLN A 1 0.43 5.47 15.06
CA GLN A 1 1.91 5.29 15.12
C GLN A 1 2.43 4.42 13.99
N MET A 2 1.52 3.90 13.15
CA MET A 2 1.88 3.05 12.03
C MET A 2 2.89 1.98 12.45
N GLN A 3 3.45 1.29 11.47
CA GLN A 3 4.42 0.24 11.73
C GLN A 3 5.22 -0.11 10.47
N PRO A 4 6.56 0.06 10.51
CA PRO A 4 7.43 -0.24 9.37
C PRO A 4 7.23 -1.66 8.84
N LEU A 5 8.07 -2.05 7.88
CA LEU A 5 8.00 -3.38 7.30
C LEU A 5 6.65 -3.60 6.60
N CYS A 6 5.96 -2.51 6.30
CA CYS A 6 4.65 -2.60 5.63
C CYS A 6 4.38 -1.34 4.82
N PHE A 7 3.44 -1.44 3.88
CA PHE A 7 3.07 -0.30 3.04
C PHE A 7 1.59 0.01 3.17
N ASN A 8 1.27 1.27 3.43
CA ASN A 8 -0.13 1.68 3.59
C ASN A 8 -0.54 2.64 2.48
N CYS A 9 -1.70 2.40 1.89
CA CYS A 9 -2.22 3.23 0.83
C CYS A 9 -2.71 4.57 1.37
N PRO A 10 -2.08 5.68 0.96
CA PRO A 10 -2.46 7.02 1.41
C PRO A 10 -3.72 7.53 0.73
N ILE A 11 -4.14 6.85 -0.33
CA ILE A 11 -5.34 7.25 -1.06
C ILE A 11 -6.62 6.88 -0.31
N CYS A 12 -6.76 5.61 0.08
CA CYS A 12 -7.95 5.19 0.80
C CYS A 12 -7.63 4.78 2.23
N ASP A 13 -6.62 3.91 2.40
CA ASP A 13 -6.19 3.43 3.73
C ASP A 13 -5.57 2.05 3.63
N LYS A 14 -6.14 1.20 2.78
CA LYS A 14 -5.66 -0.17 2.57
C LYS A 14 -4.16 -0.31 2.83
N ILE A 15 -3.79 -1.28 3.65
CA ILE A 15 -2.38 -1.52 3.97
C ILE A 15 -1.96 -2.94 3.62
N PHE A 16 -0.66 -3.15 3.49
CA PHE A 16 -0.11 -4.45 3.16
C PHE A 16 1.28 -4.63 3.75
N PRO A 17 1.80 -5.86 3.80
CA PRO A 17 3.13 -6.14 4.36
C PRO A 17 4.26 -5.62 3.45
N ALA A 18 5.46 -5.54 4.01
CA ALA A 18 6.62 -5.06 3.26
C ALA A 18 6.86 -5.91 2.03
N THR A 19 6.54 -7.20 2.12
CA THR A 19 6.73 -8.12 1.02
C THR A 19 5.63 -7.97 -0.03
N GLU A 20 4.64 -7.12 0.27
CA GLU A 20 3.53 -6.90 -0.63
C GLU A 20 3.75 -5.63 -1.46
N LYS A 21 5.01 -5.30 -1.71
CA LYS A 21 5.35 -4.12 -2.49
C LYS A 21 4.72 -4.17 -3.88
N GLN A 22 4.54 -5.38 -4.39
CA GLN A 22 3.94 -5.57 -5.71
C GLN A 22 2.48 -5.14 -5.70
N ILE A 23 1.73 -5.64 -4.73
CA ILE A 23 0.32 -5.33 -4.60
C ILE A 23 0.13 -3.88 -4.17
N PHE A 24 1.08 -3.36 -3.40
CA PHE A 24 1.03 -1.99 -2.92
C PHE A 24 1.11 -1.00 -4.07
N GLU A 25 2.00 -1.28 -5.02
CA GLU A 25 2.17 -0.42 -6.17
C GLU A 25 0.99 -0.58 -7.12
N ASP A 26 0.46 -1.80 -7.20
CA ASP A 26 -0.67 -2.08 -8.05
C ASP A 26 -1.93 -1.43 -7.49
N HIS A 27 -2.09 -1.51 -6.17
CA HIS A 27 -3.24 -0.92 -5.50
C HIS A 27 -3.31 0.57 -5.79
N VAL A 28 -2.23 1.28 -5.50
CA VAL A 28 -2.17 2.71 -5.76
C VAL A 28 -2.40 2.97 -7.24
N PHE A 29 -1.88 2.08 -8.07
CA PHE A 29 -2.04 2.19 -9.51
C PHE A 29 -3.52 2.27 -9.86
N CYS A 30 -4.34 1.56 -9.08
CA CYS A 30 -5.77 1.55 -9.30
C CYS A 30 -6.32 2.95 -9.06
N HIS A 31 -5.95 3.55 -7.95
CA HIS A 31 -6.38 4.91 -7.64
C HIS A 31 -5.86 5.85 -8.73
N SER A 32 -4.85 5.38 -9.47
CA SER A 32 -4.26 6.16 -10.55
C SER A 32 -5.14 6.17 -11.78
N LEU A 33 -6.09 5.23 -11.84
CA LEU A 33 -7.00 5.14 -12.97
C LEU A 33 -8.09 6.21 -12.90
#